data_6DY9
# 
_entry.id   6DY9 
# 
_audit_conform.dict_name       mmcif_pdbx.dic 
_audit_conform.dict_version    5.387 
_audit_conform.dict_location   http://mmcif.pdb.org/dictionaries/ascii/mmcif_pdbx.dic 
# 
loop_
_database_2.database_id 
_database_2.database_code 
_database_2.pdbx_database_accession 
_database_2.pdbx_DOI 
PDB   6DY9         pdb_00006dy9 10.2210/pdb6dy9/pdb 
WWPDB D_1000235430 ?            ?                   
# 
loop_
_pdbx_audit_revision_history.ordinal 
_pdbx_audit_revision_history.data_content_type 
_pdbx_audit_revision_history.major_revision 
_pdbx_audit_revision_history.minor_revision 
_pdbx_audit_revision_history.revision_date 
1 'Structure model' 1 0 2019-01-23 
2 'Structure model' 1 1 2019-12-04 
3 'Structure model' 1 2 2024-03-13 
# 
_pdbx_audit_revision_details.ordinal             1 
_pdbx_audit_revision_details.revision_ordinal    1 
_pdbx_audit_revision_details.data_content_type   'Structure model' 
_pdbx_audit_revision_details.provider            repository 
_pdbx_audit_revision_details.type                'Initial release' 
_pdbx_audit_revision_details.description         ? 
_pdbx_audit_revision_details.details             ? 
# 
loop_
_pdbx_audit_revision_group.ordinal 
_pdbx_audit_revision_group.revision_ordinal 
_pdbx_audit_revision_group.data_content_type 
_pdbx_audit_revision_group.group 
1 2 'Structure model' 'Author supporting evidence' 
2 3 'Structure model' 'Data collection'            
3 3 'Structure model' 'Database references'        
# 
loop_
_pdbx_audit_revision_category.ordinal 
_pdbx_audit_revision_category.revision_ordinal 
_pdbx_audit_revision_category.data_content_type 
_pdbx_audit_revision_category.category 
1 2 'Structure model' pdbx_audit_support 
2 3 'Structure model' chem_comp_atom     
3 3 'Structure model' chem_comp_bond     
4 3 'Structure model' database_2         
# 
loop_
_pdbx_audit_revision_item.ordinal 
_pdbx_audit_revision_item.revision_ordinal 
_pdbx_audit_revision_item.data_content_type 
_pdbx_audit_revision_item.item 
1 2 'Structure model' '_pdbx_audit_support.funding_organization' 
2 2 'Structure model' '_pdbx_audit_support.grant_number'         
3 3 'Structure model' '_database_2.pdbx_DOI'                     
4 3 'Structure model' '_database_2.pdbx_database_accession'      
# 
_pdbx_database_status.status_code                     REL 
_pdbx_database_status.status_code_sf                  REL 
_pdbx_database_status.status_code_mr                  ? 
_pdbx_database_status.entry_id                        6DY9 
_pdbx_database_status.recvd_initial_deposition_date   2018-07-01 
_pdbx_database_status.SG_entry                        N 
_pdbx_database_status.deposit_site                    RCSB 
_pdbx_database_status.process_site                    RCSB 
_pdbx_database_status.status_code_cs                  ? 
_pdbx_database_status.methods_development_category    ? 
_pdbx_database_status.pdb_format_compatible           Y 
_pdbx_database_status.status_code_nmr_data            ? 
# 
loop_
_audit_author.name 
_audit_author.pdbx_ordinal 
_audit_author.identifier_ORCID 
'Hou, C.'        1 ? 
'Tsodikov, O.V.' 2 ? 
# 
_citation.abstract                  ? 
_citation.abstract_id_CAS           ? 
_citation.book_id_ISBN              ? 
_citation.book_publisher            ? 
_citation.book_publisher_city       ? 
_citation.book_title                ? 
_citation.coordinate_linkage        ? 
_citation.country                   DK 
_citation.database_id_Medline       ? 
_citation.details                   ? 
_citation.id                        primary 
_citation.journal_abbrev            'Acta Crystallogr.,Sect.D' 
_citation.journal_id_ASTM           ABCRE6 
_citation.journal_id_CSD            0766 
_citation.journal_id_ISSN           0907-4449 
_citation.journal_full              ? 
_citation.journal_issue             ? 
_citation.journal_volume            75 
_citation.language                  ? 
_citation.page_first                32 
_citation.page_last                 ? 
_citation.title                     
'Utilizing guanine coordinated Zn2+ to determine DNA crystal structures by single-wavelength anomalous diffraction' 
_citation.year                      2019 
_citation.database_id_CSD           ? 
_citation.pdbx_database_id_DOI      ? 
_citation.pdbx_database_id_PubMed   ? 
_citation.unpublished_flag          ? 
# 
loop_
_citation_author.citation_id 
_citation_author.name 
_citation_author.ordinal 
_citation_author.identifier_ORCID 
primary 'Hou, C.'        1 ? 
primary 'Tsodikov, O.V.' 2 ? 
# 
loop_
_entity.id 
_entity.type 
_entity.src_method 
_entity.pdbx_description 
_entity.formula_weight 
_entity.pdbx_number_of_molecules 
_entity.pdbx_ec 
_entity.pdbx_mutation 
_entity.pdbx_fragment 
_entity.details 
1 polymer     syn 
;DNA (5'-D(*GP*GP*GP*AP*TP*CP*CP*C)-3')
;
2427.605 2 ? ? ? ? 
2 non-polymer syn 'ZINC ION'                               65.409   2 ? ? ? ? 
3 water       nat water                                    18.015   1 ? ? ? ? 
# 
_entity_poly.entity_id                      1 
_entity_poly.type                           polydeoxyribonucleotide 
_entity_poly.nstd_linkage                   no 
_entity_poly.nstd_monomer                   no 
_entity_poly.pdbx_seq_one_letter_code       '(DG)(DG)(DG)(DA)(DT)(DC)(DC)(DC)' 
_entity_poly.pdbx_seq_one_letter_code_can   GGGATCCC 
_entity_poly.pdbx_strand_id                 A,B 
_entity_poly.pdbx_target_identifier         ? 
# 
loop_
_pdbx_entity_nonpoly.entity_id 
_pdbx_entity_nonpoly.name 
_pdbx_entity_nonpoly.comp_id 
2 'ZINC ION' ZN  
3 water      HOH 
# 
loop_
_entity_poly_seq.entity_id 
_entity_poly_seq.num 
_entity_poly_seq.mon_id 
_entity_poly_seq.hetero 
1 1 DG n 
1 2 DG n 
1 3 DG n 
1 4 DA n 
1 5 DT n 
1 6 DC n 
1 7 DC n 
1 8 DC n 
# 
_pdbx_entity_src_syn.entity_id              1 
_pdbx_entity_src_syn.pdbx_src_id            1 
_pdbx_entity_src_syn.pdbx_alt_source_flag   sample 
_pdbx_entity_src_syn.pdbx_beg_seq_num       1 
_pdbx_entity_src_syn.pdbx_end_seq_num       8 
_pdbx_entity_src_syn.organism_scientific    'synthetic construct' 
_pdbx_entity_src_syn.organism_common_name   ? 
_pdbx_entity_src_syn.ncbi_taxonomy_id       32630 
_pdbx_entity_src_syn.details                ? 
# 
loop_
_chem_comp.id 
_chem_comp.type 
_chem_comp.mon_nstd_flag 
_chem_comp.name 
_chem_comp.pdbx_synonyms 
_chem_comp.formula 
_chem_comp.formula_weight 
DA  'DNA linking' y "2'-DEOXYADENOSINE-5'-MONOPHOSPHATE" ? 'C10 H14 N5 O6 P' 331.222 
DC  'DNA linking' y "2'-DEOXYCYTIDINE-5'-MONOPHOSPHATE"  ? 'C9 H14 N3 O7 P'  307.197 
DG  'DNA linking' y "2'-DEOXYGUANOSINE-5'-MONOPHOSPHATE" ? 'C10 H14 N5 O7 P' 347.221 
DT  'DNA linking' y "THYMIDINE-5'-MONOPHOSPHATE"         ? 'C10 H15 N2 O8 P' 322.208 
HOH non-polymer   . WATER                                ? 'H2 O'            18.015  
ZN  non-polymer   . 'ZINC ION'                           ? 'Zn 2'            65.409  
# 
loop_
_pdbx_poly_seq_scheme.asym_id 
_pdbx_poly_seq_scheme.entity_id 
_pdbx_poly_seq_scheme.seq_id 
_pdbx_poly_seq_scheme.mon_id 
_pdbx_poly_seq_scheme.ndb_seq_num 
_pdbx_poly_seq_scheme.pdb_seq_num 
_pdbx_poly_seq_scheme.auth_seq_num 
_pdbx_poly_seq_scheme.pdb_mon_id 
_pdbx_poly_seq_scheme.auth_mon_id 
_pdbx_poly_seq_scheme.pdb_strand_id 
_pdbx_poly_seq_scheme.pdb_ins_code 
_pdbx_poly_seq_scheme.hetero 
A 1 1 DG 1 1  1  DG DG A . n 
A 1 2 DG 2 2  2  DG DG A . n 
A 1 3 DG 3 3  3  DG DG A . n 
A 1 4 DA 4 4  4  DA DA A . n 
A 1 5 DT 5 5  5  DT DT A . n 
A 1 6 DC 6 6  6  DC DC A . n 
A 1 7 DC 7 7  7  DC DC A . n 
A 1 8 DC 8 8  8  DC DC A . n 
B 1 1 DG 1 9  9  DG DG B . n 
B 1 2 DG 2 10 10 DG DG B . n 
B 1 3 DG 3 11 11 DG DG B . n 
B 1 4 DA 4 12 12 DA DA B . n 
B 1 5 DT 5 13 13 DT DT B . n 
B 1 6 DC 6 14 14 DC DC B . n 
B 1 7 DC 7 15 15 DC DC B . n 
B 1 8 DC 8 16 16 DC DC B . n 
# 
loop_
_pdbx_nonpoly_scheme.asym_id 
_pdbx_nonpoly_scheme.entity_id 
_pdbx_nonpoly_scheme.mon_id 
_pdbx_nonpoly_scheme.ndb_seq_num 
_pdbx_nonpoly_scheme.pdb_seq_num 
_pdbx_nonpoly_scheme.auth_seq_num 
_pdbx_nonpoly_scheme.pdb_mon_id 
_pdbx_nonpoly_scheme.auth_mon_id 
_pdbx_nonpoly_scheme.pdb_strand_id 
_pdbx_nonpoly_scheme.pdb_ins_code 
C 2 ZN  1 101 3 ZN  ZN  A . 
D 2 ZN  1 101 2 ZN  ZN  B . 
E 3 HOH 1 201 1 HOH HOH B . 
# 
loop_
_software.citation_id 
_software.classification 
_software.compiler_name 
_software.compiler_version 
_software.contact_author 
_software.contact_author_email 
_software.date 
_software.description 
_software.dependencies 
_software.hardware 
_software.language 
_software.location 
_software.mods 
_software.name 
_software.os 
_software.os_version 
_software.type 
_software.version 
_software.pdbx_ordinal 
? refinement       ? ? ? ? ? ? ? ? ? ? ? REFMAC   ? ? ? 5.8.0071 1 
? 'data reduction' ? ? ? ? ? ? ? ? ? ? ? HKL-2000 ? ? ? .        2 
? 'data scaling'   ? ? ? ? ? ? ? ? ? ? ? HKL-2000 ? ? ? .        3 
? phasing          ? ? ? ? ? ? ? ? ? ? ? AutoSol  ? ? ? .        4 
# 
_cell.angle_alpha                  90.00 
_cell.angle_alpha_esd              ? 
_cell.angle_beta                   90.00 
_cell.angle_beta_esd               ? 
_cell.angle_gamma                  120.00 
_cell.angle_gamma_esd              ? 
_cell.entry_id                     6DY9 
_cell.details                      ? 
_cell.formula_units_Z              ? 
_cell.length_a                     46.221 
_cell.length_a_esd                 ? 
_cell.length_b                     46.221 
_cell.length_b_esd                 ? 
_cell.length_c                     43.426 
_cell.length_c_esd                 ? 
_cell.volume                       ? 
_cell.volume_esd                   ? 
_cell.Z_PDB                        12 
_cell.reciprocal_angle_alpha       ? 
_cell.reciprocal_angle_beta        ? 
_cell.reciprocal_angle_gamma       ? 
_cell.reciprocal_angle_alpha_esd   ? 
_cell.reciprocal_angle_beta_esd    ? 
_cell.reciprocal_angle_gamma_esd   ? 
_cell.reciprocal_length_a          ? 
_cell.reciprocal_length_b          ? 
_cell.reciprocal_length_c          ? 
_cell.reciprocal_length_a_esd      ? 
_cell.reciprocal_length_b_esd      ? 
_cell.reciprocal_length_c_esd      ? 
_cell.pdbx_unique_axis             ? 
# 
_symmetry.entry_id                         6DY9 
_symmetry.cell_setting                     ? 
_symmetry.Int_Tables_number                169 
_symmetry.space_group_name_Hall            ? 
_symmetry.space_group_name_H-M             'P 61' 
_symmetry.pdbx_full_space_group_name_H-M   ? 
# 
_exptl.absorpt_coefficient_mu     ? 
_exptl.absorpt_correction_T_max   ? 
_exptl.absorpt_correction_T_min   ? 
_exptl.absorpt_correction_type    ? 
_exptl.absorpt_process_details    ? 
_exptl.entry_id                   6DY9 
_exptl.crystals_number            1 
_exptl.details                    ? 
_exptl.method                     'X-RAY DIFFRACTION' 
_exptl.method_details             ? 
# 
_exptl_crystal.colour                      ? 
_exptl_crystal.density_diffrn              ? 
_exptl_crystal.density_Matthews            2.76 
_exptl_crystal.density_method              ? 
_exptl_crystal.density_percent_sol         55.40 
_exptl_crystal.description                 ? 
_exptl_crystal.F_000                       ? 
_exptl_crystal.id                          1 
_exptl_crystal.preparation                 ? 
_exptl_crystal.size_max                    ? 
_exptl_crystal.size_mid                    ? 
_exptl_crystal.size_min                    ? 
_exptl_crystal.size_rad                    ? 
_exptl_crystal.colour_lustre               ? 
_exptl_crystal.colour_modifier             ? 
_exptl_crystal.colour_primary              ? 
_exptl_crystal.density_meas                ? 
_exptl_crystal.density_meas_esd            ? 
_exptl_crystal.density_meas_gt             ? 
_exptl_crystal.density_meas_lt             ? 
_exptl_crystal.density_meas_temp           ? 
_exptl_crystal.density_meas_temp_esd       ? 
_exptl_crystal.density_meas_temp_gt        ? 
_exptl_crystal.density_meas_temp_lt        ? 
_exptl_crystal.pdbx_crystal_image_url      ? 
_exptl_crystal.pdbx_crystal_image_format   ? 
_exptl_crystal.pdbx_mosaicity              ? 
_exptl_crystal.pdbx_mosaicity_esd          ? 
# 
_exptl_crystal_grow.apparatus       ? 
_exptl_crystal_grow.atmosphere      ? 
_exptl_crystal_grow.crystal_id      1 
_exptl_crystal_grow.details         ? 
_exptl_crystal_grow.method          'VAPOR DIFFUSION, HANGING DROP' 
_exptl_crystal_grow.method_ref      ? 
_exptl_crystal_grow.pH              ? 
_exptl_crystal_grow.pressure        ? 
_exptl_crystal_grow.pressure_esd    ? 
_exptl_crystal_grow.seeding         ? 
_exptl_crystal_grow.seeding_ref     ? 
_exptl_crystal_grow.temp            294 
_exptl_crystal_grow.temp_details    ? 
_exptl_crystal_grow.temp_esd        ? 
_exptl_crystal_grow.time            ? 
_exptl_crystal_grow.pdbx_details    
'1 mM ds DNA with 5 mM zinc acetate and 2 mM spermine was incubated against 55% (v/v) 2-methyl-2,4-pentanediol (MPD)' 
_exptl_crystal_grow.pdbx_pH_range   ? 
# 
_diffrn.ambient_environment              ? 
_diffrn.ambient_temp                     100 
_diffrn.ambient_temp_details             ? 
_diffrn.ambient_temp_esd                 ? 
_diffrn.crystal_id                       1 
_diffrn.crystal_support                  ? 
_diffrn.crystal_treatment                ? 
_diffrn.details                          ? 
_diffrn.id                               1 
_diffrn.ambient_pressure                 ? 
_diffrn.ambient_pressure_esd             ? 
_diffrn.ambient_pressure_gt              ? 
_diffrn.ambient_pressure_lt              ? 
_diffrn.ambient_temp_gt                  ? 
_diffrn.ambient_temp_lt                  ? 
_diffrn.pdbx_serial_crystal_experiment   ? 
# 
_diffrn_detector.details                      ? 
_diffrn_detector.detector                     CCD 
_diffrn_detector.diffrn_id                    1 
_diffrn_detector.type                         'MARMOSAIC 300 mm CCD' 
_diffrn_detector.area_resol_mean              ? 
_diffrn_detector.dtime                        ? 
_diffrn_detector.pdbx_frames_total            ? 
_diffrn_detector.pdbx_collection_time_total   ? 
_diffrn_detector.pdbx_collection_date         2014-05-29 
_diffrn_detector.pdbx_frequency               ? 
# 
_diffrn_radiation.collimation                      ? 
_diffrn_radiation.diffrn_id                        1 
_diffrn_radiation.filter_edge                      ? 
_diffrn_radiation.inhomogeneity                    ? 
_diffrn_radiation.monochromator                    ? 
_diffrn_radiation.polarisn_norm                    ? 
_diffrn_radiation.polarisn_ratio                   ? 
_diffrn_radiation.probe                            ? 
_diffrn_radiation.type                             ? 
_diffrn_radiation.xray_symbol                      ? 
_diffrn_radiation.wavelength_id                    1 
_diffrn_radiation.pdbx_monochromatic_or_laue_m_l   M 
_diffrn_radiation.pdbx_wavelength_list             ? 
_diffrn_radiation.pdbx_wavelength                  ? 
_diffrn_radiation.pdbx_diffrn_protocol             'SINGLE WAVELENGTH' 
_diffrn_radiation.pdbx_analyzer                    ? 
_diffrn_radiation.pdbx_scattering_type             x-ray 
# 
_diffrn_radiation_wavelength.id           1 
_diffrn_radiation_wavelength.wavelength   0.9786 
_diffrn_radiation_wavelength.wt           1.0 
# 
_diffrn_source.current                     ? 
_diffrn_source.details                     ? 
_diffrn_source.diffrn_id                   1 
_diffrn_source.power                       ? 
_diffrn_source.size                        ? 
_diffrn_source.source                      SYNCHROTRON 
_diffrn_source.target                      ? 
_diffrn_source.type                        'APS BEAMLINE 21-ID-G' 
_diffrn_source.voltage                     ? 
_diffrn_source.take-off_angle              ? 
_diffrn_source.pdbx_wavelength_list        0.9786 
_diffrn_source.pdbx_wavelength             ? 
_diffrn_source.pdbx_synchrotron_beamline   21-ID-G 
_diffrn_source.pdbx_synchrotron_site       APS 
# 
_reflns.B_iso_Wilson_estimate            ? 
_reflns.entry_id                         6DY9 
_reflns.data_reduction_details           ? 
_reflns.data_reduction_method            ? 
_reflns.d_resolution_high                2.21 
_reflns.d_resolution_low                 50 
_reflns.details                          ? 
_reflns.limit_h_max                      ? 
_reflns.limit_h_min                      ? 
_reflns.limit_k_max                      ? 
_reflns.limit_k_min                      ? 
_reflns.limit_l_max                      ? 
_reflns.limit_l_min                      ? 
_reflns.number_all                       ? 
_reflns.number_obs                       2702 
_reflns.observed_criterion               ? 
_reflns.observed_criterion_F_max         ? 
_reflns.observed_criterion_F_min         ? 
_reflns.observed_criterion_I_max         ? 
_reflns.observed_criterion_I_min         ? 
_reflns.observed_criterion_sigma_F       ? 
_reflns.observed_criterion_sigma_I       ? 
_reflns.percent_possible_obs             99.1 
_reflns.R_free_details                   ? 
_reflns.Rmerge_F_all                     ? 
_reflns.Rmerge_F_obs                     ? 
_reflns.Friedel_coverage                 ? 
_reflns.number_gt                        ? 
_reflns.threshold_expression             ? 
_reflns.pdbx_redundancy                  6.1 
_reflns.pdbx_Rmerge_I_obs                0.03 
_reflns.pdbx_Rmerge_I_all                ? 
_reflns.pdbx_Rsym_value                  ? 
_reflns.pdbx_netI_over_av_sigmaI         ? 
_reflns.pdbx_netI_over_sigmaI            55 
_reflns.pdbx_res_netI_over_av_sigmaI_2   ? 
_reflns.pdbx_res_netI_over_sigmaI_2      ? 
_reflns.pdbx_chi_squared                 ? 
_reflns.pdbx_scaling_rejects             ? 
_reflns.pdbx_d_res_high_opt              ? 
_reflns.pdbx_d_res_low_opt               ? 
_reflns.pdbx_d_res_opt_method            ? 
_reflns.phase_calculation_details        ? 
_reflns.pdbx_Rrim_I_all                  ? 
_reflns.pdbx_Rpim_I_all                  ? 
_reflns.pdbx_d_opt                       ? 
_reflns.pdbx_number_measured_all         ? 
_reflns.pdbx_diffrn_id                   1 
_reflns.pdbx_ordinal                     1 
_reflns.pdbx_CC_half                     ? 
_reflns.pdbx_R_split                     ? 
# 
_reflns_shell.d_res_high                  2.21 
_reflns_shell.d_res_low                   2.25 
_reflns_shell.meanI_over_sigI_all         ? 
_reflns_shell.meanI_over_sigI_obs         ? 
_reflns_shell.number_measured_all         ? 
_reflns_shell.number_measured_obs         ? 
_reflns_shell.number_possible             ? 
_reflns_shell.number_unique_all           ? 
_reflns_shell.number_unique_obs           128 
_reflns_shell.percent_possible_all        100 
_reflns_shell.percent_possible_obs        ? 
_reflns_shell.Rmerge_F_all                ? 
_reflns_shell.Rmerge_F_obs                ? 
_reflns_shell.Rmerge_I_all                ? 
_reflns_shell.Rmerge_I_obs                0.78 
_reflns_shell.meanI_over_sigI_gt          ? 
_reflns_shell.meanI_over_uI_all           ? 
_reflns_shell.meanI_over_uI_gt            ? 
_reflns_shell.number_measured_gt          ? 
_reflns_shell.number_unique_gt            ? 
_reflns_shell.percent_possible_gt         ? 
_reflns_shell.Rmerge_F_gt                 ? 
_reflns_shell.Rmerge_I_gt                 ? 
_reflns_shell.pdbx_redundancy             6.3 
_reflns_shell.pdbx_Rsym_value             ? 
_reflns_shell.pdbx_chi_squared            ? 
_reflns_shell.pdbx_netI_over_sigmaI_all   ? 
_reflns_shell.pdbx_netI_over_sigmaI_obs   ? 
_reflns_shell.pdbx_Rrim_I_all             ? 
_reflns_shell.pdbx_Rpim_I_all             ? 
_reflns_shell.pdbx_rejects                ? 
_reflns_shell.pdbx_ordinal                1 
_reflns_shell.pdbx_diffrn_id              1 
_reflns_shell.pdbx_CC_half                ? 
_reflns_shell.pdbx_R_split                ? 
# 
_refine.aniso_B[1][1]                            0.39 
_refine.aniso_B[1][2]                            0.19 
_refine.aniso_B[1][3]                            0.00 
_refine.aniso_B[2][2]                            0.39 
_refine.aniso_B[2][3]                            0.00 
_refine.aniso_B[3][3]                            -1.26 
_refine.B_iso_max                                ? 
_refine.B_iso_mean                               63.165 
_refine.B_iso_min                                ? 
_refine.correlation_coeff_Fo_to_Fc               0.935 
_refine.correlation_coeff_Fo_to_Fc_free          0.934 
_refine.details                                  'HYDROGENS HAVE BEEN ADDED IN THE RIDING POSITIONS' 
_refine.diff_density_max                         ? 
_refine.diff_density_max_esd                     ? 
_refine.diff_density_min                         ? 
_refine.diff_density_min_esd                     ? 
_refine.diff_density_rms                         ? 
_refine.diff_density_rms_esd                     ? 
_refine.entry_id                                 6DY9 
_refine.pdbx_refine_id                           'X-RAY DIFFRACTION' 
_refine.ls_abs_structure_details                 ? 
_refine.ls_abs_structure_Flack                   ? 
_refine.ls_abs_structure_Flack_esd               ? 
_refine.ls_abs_structure_Rogers                  ? 
_refine.ls_abs_structure_Rogers_esd              ? 
_refine.ls_d_res_high                            2.30 
_refine.ls_d_res_low                             40.00 
_refine.ls_extinction_coef                       ? 
_refine.ls_extinction_coef_esd                   ? 
_refine.ls_extinction_expression                 ? 
_refine.ls_extinction_method                     ? 
_refine.ls_goodness_of_fit_all                   ? 
_refine.ls_goodness_of_fit_all_esd               ? 
_refine.ls_goodness_of_fit_obs                   ? 
_refine.ls_goodness_of_fit_obs_esd               ? 
_refine.ls_hydrogen_treatment                    ? 
_refine.ls_matrix_type                           ? 
_refine.ls_number_constraints                    ? 
_refine.ls_number_parameters                     ? 
_refine.ls_number_reflns_all                     ? 
_refine.ls_number_reflns_obs                     2266 
_refine.ls_number_reflns_R_free                  111 
_refine.ls_number_reflns_R_work                  ? 
_refine.ls_number_restraints                     ? 
_refine.ls_percent_reflns_obs                    99.12 
_refine.ls_percent_reflns_R_free                 4.7 
_refine.ls_R_factor_all                          ? 
_refine.ls_R_factor_obs                          0.25450 
_refine.ls_R_factor_R_free                       0.27582 
_refine.ls_R_factor_R_free_error                 ? 
_refine.ls_R_factor_R_free_error_details         ? 
_refine.ls_R_factor_R_work                       0.25346 
_refine.ls_R_Fsqd_factor_obs                     ? 
_refine.ls_R_I_factor_obs                        ? 
_refine.ls_redundancy_reflns_all                 ? 
_refine.ls_redundancy_reflns_obs                 ? 
_refine.ls_restrained_S_all                      ? 
_refine.ls_restrained_S_obs                      ? 
_refine.ls_shift_over_esd_max                    ? 
_refine.ls_shift_over_esd_mean                   ? 
_refine.ls_structure_factor_coef                 ? 
_refine.ls_weighting_details                     ? 
_refine.ls_weighting_scheme                      ? 
_refine.ls_wR_factor_all                         ? 
_refine.ls_wR_factor_obs                         ? 
_refine.ls_wR_factor_R_free                      ? 
_refine.ls_wR_factor_R_work                      ? 
_refine.occupancy_max                            ? 
_refine.occupancy_min                            ? 
_refine.solvent_model_details                    ? 
_refine.solvent_model_param_bsol                 ? 
_refine.solvent_model_param_ksol                 ? 
_refine.ls_R_factor_gt                           ? 
_refine.ls_goodness_of_fit_gt                    ? 
_refine.ls_goodness_of_fit_ref                   ? 
_refine.ls_shift_over_su_max                     ? 
_refine.ls_shift_over_su_max_lt                  ? 
_refine.ls_shift_over_su_mean                    ? 
_refine.ls_shift_over_su_mean_lt                 ? 
_refine.pdbx_ls_sigma_I                          ? 
_refine.pdbx_ls_sigma_F                          ? 
_refine.pdbx_ls_sigma_Fsqd                       ? 
_refine.pdbx_data_cutoff_high_absF               ? 
_refine.pdbx_data_cutoff_high_rms_absF           ? 
_refine.pdbx_data_cutoff_low_absF                ? 
_refine.pdbx_isotropic_thermal_model             ? 
_refine.pdbx_ls_cross_valid_method               THROUGHOUT 
_refine.pdbx_method_to_determine_struct          SAD 
_refine.pdbx_starting_model                      ? 
_refine.pdbx_stereochemistry_target_values       ? 
_refine.pdbx_R_Free_selection_details            RANDOM 
_refine.pdbx_stereochem_target_val_spec_case     ? 
_refine.pdbx_overall_ESU_R                       0.345 
_refine.pdbx_overall_ESU_R_Free                  0.245 
_refine.pdbx_solvent_vdw_probe_radii             1.20 
_refine.pdbx_solvent_ion_probe_radii             0.80 
_refine.pdbx_solvent_shrinkage_radii             0.80 
_refine.pdbx_real_space_R                        ? 
_refine.pdbx_density_correlation                 ? 
_refine.pdbx_pd_number_of_powder_patterns        ? 
_refine.pdbx_pd_number_of_points                 ? 
_refine.pdbx_pd_meas_number_of_points            ? 
_refine.pdbx_pd_proc_ls_prof_R_factor            ? 
_refine.pdbx_pd_proc_ls_prof_wR_factor           ? 
_refine.pdbx_pd_Marquardt_correlation_coeff      ? 
_refine.pdbx_pd_Fsqrd_R_factor                   ? 
_refine.pdbx_pd_ls_matrix_band_width             ? 
_refine.pdbx_overall_phase_error                 ? 
_refine.pdbx_overall_SU_R_free_Cruickshank_DPI   ? 
_refine.pdbx_overall_SU_R_free_Blow_DPI          ? 
_refine.pdbx_overall_SU_R_Blow_DPI               ? 
_refine.pdbx_TLS_residual_ADP_flag               ? 
_refine.pdbx_diffrn_id                           1 
_refine.overall_SU_B                             12.470 
_refine.overall_SU_ML                            0.219 
_refine.overall_SU_R_Cruickshank_DPI             ? 
_refine.overall_SU_R_free                        ? 
_refine.overall_FOM_free_R_set                   ? 
_refine.overall_FOM_work_R_set                   ? 
_refine.pdbx_average_fsc_overall                 ? 
_refine.pdbx_average_fsc_work                    ? 
_refine.pdbx_average_fsc_free                    ? 
# 
_refine_hist.pdbx_refine_id                   'X-RAY DIFFRACTION' 
_refine_hist.cycle_id                         1 
_refine_hist.pdbx_number_atoms_protein        0 
_refine_hist.pdbx_number_atoms_nucleic_acid   322 
_refine_hist.pdbx_number_atoms_ligand         2 
_refine_hist.number_atoms_solvent             1 
_refine_hist.number_atoms_total               325 
_refine_hist.d_res_high                       2.30 
_refine_hist.d_res_low                        40.00 
# 
loop_
_refine_ls_restr.pdbx_refine_id 
_refine_ls_restr.criterion 
_refine_ls_restr.dev_ideal 
_refine_ls_restr.dev_ideal_target 
_refine_ls_restr.number 
_refine_ls_restr.rejects 
_refine_ls_restr.type 
_refine_ls_restr.weight 
_refine_ls_restr.pdbx_restraint_function 
'X-RAY DIFFRACTION' ? 0.002 0.011  362 ? r_bond_refined_d             ? ? 
'X-RAY DIFFRACTION' ? 0.025 0.020  180 ? r_bond_other_d               ? ? 
'X-RAY DIFFRACTION' ? 0.738 1.156  552 ? r_angle_refined_deg          ? ? 
'X-RAY DIFFRACTION' ? 2.293 3.000  424 ? r_angle_other_deg            ? ? 
'X-RAY DIFFRACTION' ? ?     ?      ?   ? r_dihedral_angle_1_deg       ? ? 
'X-RAY DIFFRACTION' ? ?     ?      ?   ? r_dihedral_angle_2_deg       ? ? 
'X-RAY DIFFRACTION' ? ?     ?      ?   ? r_dihedral_angle_3_deg       ? ? 
'X-RAY DIFFRACTION' ? ?     ?      ?   ? r_dihedral_angle_4_deg       ? ? 
'X-RAY DIFFRACTION' ? 0.066 0.200  48  ? r_chiral_restr               ? ? 
'X-RAY DIFFRACTION' ? 0.003 0.020  192 ? r_gen_planes_refined         ? ? 
'X-RAY DIFFRACTION' ? 0.001 0.020  84  ? r_gen_planes_other           ? ? 
'X-RAY DIFFRACTION' ? ?     ?      ?   ? r_nbd_refined                ? ? 
'X-RAY DIFFRACTION' ? ?     ?      ?   ? r_nbd_other                  ? ? 
'X-RAY DIFFRACTION' ? ?     ?      ?   ? r_nbtor_refined              ? ? 
'X-RAY DIFFRACTION' ? ?     ?      ?   ? r_nbtor_other                ? ? 
'X-RAY DIFFRACTION' ? ?     ?      ?   ? r_xyhbond_nbd_refined        ? ? 
'X-RAY DIFFRACTION' ? ?     ?      ?   ? r_xyhbond_nbd_other          ? ? 
'X-RAY DIFFRACTION' ? ?     ?      ?   ? r_metal_ion_refined          ? ? 
'X-RAY DIFFRACTION' ? ?     ?      ?   ? r_metal_ion_other            ? ? 
'X-RAY DIFFRACTION' ? ?     ?      ?   ? r_symmetry_vdw_refined       ? ? 
'X-RAY DIFFRACTION' ? ?     ?      ?   ? r_symmetry_vdw_other         ? ? 
'X-RAY DIFFRACTION' ? ?     ?      ?   ? r_symmetry_hbond_refined     ? ? 
'X-RAY DIFFRACTION' ? ?     ?      ?   ? r_symmetry_hbond_other       ? ? 
'X-RAY DIFFRACTION' ? ?     ?      ?   ? r_symmetry_metal_ion_refined ? ? 
'X-RAY DIFFRACTION' ? ?     ?      ?   ? r_symmetry_metal_ion_other   ? ? 
'X-RAY DIFFRACTION' ? ?     ?      ?   ? r_mcbond_it                  ? ? 
'X-RAY DIFFRACTION' ? ?     ?      ?   ? r_mcbond_other               ? ? 
'X-RAY DIFFRACTION' ? ?     ?      ?   ? r_mcangle_it                 ? ? 
'X-RAY DIFFRACTION' ? ?     ?      ?   ? r_mcangle_other              ? ? 
'X-RAY DIFFRACTION' ? 1.230 6.526  362 ? r_scbond_it                  ? ? 
'X-RAY DIFFRACTION' ? 1.231 6.527  361 ? r_scbond_other               ? ? 
'X-RAY DIFFRACTION' ? ?     ?      ?   ? r_scangle_it                 ? ? 
'X-RAY DIFFRACTION' ? 1.227 9.780  552 ? r_scangle_other              ? ? 
'X-RAY DIFFRACTION' ? 2.389 68.983 464 ? r_long_range_B_refined       ? ? 
'X-RAY DIFFRACTION' ? 2.387 68.986 465 ? r_long_range_B_other         ? ? 
'X-RAY DIFFRACTION' ? ?     ?      ?   ? r_rigid_bond_restr           ? ? 
'X-RAY DIFFRACTION' ? ?     ?      ?   ? r_sphericity_free            ? ? 
'X-RAY DIFFRACTION' ? ?     ?      ?   ? r_sphericity_bonded          ? ? 
# 
_refine_ls_shell.pdbx_refine_id                   'X-RAY DIFFRACTION' 
_refine_ls_shell.d_res_high                       2.300 
_refine_ls_shell.d_res_low                        2.360 
_refine_ls_shell.number_reflns_all                ? 
_refine_ls_shell.number_reflns_obs                ? 
_refine_ls_shell.number_reflns_R_free             8 
_refine_ls_shell.number_reflns_R_work             169 
_refine_ls_shell.percent_reflns_obs               100.00 
_refine_ls_shell.percent_reflns_R_free            ? 
_refine_ls_shell.R_factor_all                     ? 
_refine_ls_shell.R_factor_obs                     ? 
_refine_ls_shell.R_factor_R_free                  0.330 
_refine_ls_shell.R_factor_R_free_error            ? 
_refine_ls_shell.R_factor_R_work                  0.438 
_refine_ls_shell.redundancy_reflns_all            ? 
_refine_ls_shell.redundancy_reflns_obs            ? 
_refine_ls_shell.wR_factor_all                    ? 
_refine_ls_shell.wR_factor_obs                    ? 
_refine_ls_shell.wR_factor_R_free                 ? 
_refine_ls_shell.wR_factor_R_work                 ? 
_refine_ls_shell.pdbx_total_number_of_bins_used   20 
_refine_ls_shell.pdbx_phase_error                 ? 
_refine_ls_shell.pdbx_fsc_work                    ? 
_refine_ls_shell.pdbx_fsc_free                    ? 
# 
_struct.entry_id                     6DY9 
_struct.title                        'Crystal structure of double-stranded DNA GGGATCCC; crystals grown in Zn2+' 
_struct.pdbx_model_details           ? 
_struct.pdbx_formula_weight          ? 
_struct.pdbx_formula_weight_method   ? 
_struct.pdbx_model_type_details      ? 
_struct.pdbx_CASP_flag               N 
# 
_struct_keywords.entry_id        6DY9 
_struct_keywords.text            'palindrome, mithramycin binding, gunine N7-Zn2+, DNA' 
_struct_keywords.pdbx_keywords   DNA 
# 
loop_
_struct_asym.id 
_struct_asym.pdbx_blank_PDB_chainid_flag 
_struct_asym.pdbx_modified 
_struct_asym.entity_id 
_struct_asym.details 
A N N 1 ? 
B N N 1 ? 
C N N 2 ? 
D N N 2 ? 
E N N 3 ? 
# 
_struct_ref.id                         1 
_struct_ref.db_name                    PDB 
_struct_ref.db_code                    6DY9 
_struct_ref.pdbx_db_accession          6DY9 
_struct_ref.pdbx_db_isoform            ? 
_struct_ref.entity_id                  1 
_struct_ref.pdbx_seq_one_letter_code   ? 
_struct_ref.pdbx_align_begin           1 
# 
loop_
_struct_ref_seq.align_id 
_struct_ref_seq.ref_id 
_struct_ref_seq.pdbx_PDB_id_code 
_struct_ref_seq.pdbx_strand_id 
_struct_ref_seq.seq_align_beg 
_struct_ref_seq.pdbx_seq_align_beg_ins_code 
_struct_ref_seq.seq_align_end 
_struct_ref_seq.pdbx_seq_align_end_ins_code 
_struct_ref_seq.pdbx_db_accession 
_struct_ref_seq.db_align_beg 
_struct_ref_seq.pdbx_db_align_beg_ins_code 
_struct_ref_seq.db_align_end 
_struct_ref_seq.pdbx_db_align_end_ins_code 
_struct_ref_seq.pdbx_auth_seq_align_beg 
_struct_ref_seq.pdbx_auth_seq_align_end 
1 1 6DY9 A 1 ? 8 ? 6DY9 1 ? 8  ? 1 8  
2 1 6DY9 B 1 ? 8 ? 6DY9 9 ? 16 ? 9 16 
# 
_pdbx_struct_assembly.id                   1 
_pdbx_struct_assembly.details              author_and_software_defined_assembly 
_pdbx_struct_assembly.method_details       PISA 
_pdbx_struct_assembly.oligomeric_details   dimeric 
_pdbx_struct_assembly.oligomeric_count     2 
# 
loop_
_pdbx_struct_assembly_prop.biol_id 
_pdbx_struct_assembly_prop.type 
_pdbx_struct_assembly_prop.value 
_pdbx_struct_assembly_prop.details 
1 'ABSA (A^2)' 930  ? 
1 MORE         -52  ? 
1 'SSA (A^2)'  3130 ? 
# 
_pdbx_struct_assembly_gen.assembly_id       1 
_pdbx_struct_assembly_gen.oper_expression   1 
_pdbx_struct_assembly_gen.asym_id_list      A,B,C,D,E 
# 
_pdbx_struct_assembly_auth_evidence.id                     1 
_pdbx_struct_assembly_auth_evidence.assembly_id            1 
_pdbx_struct_assembly_auth_evidence.experimental_support   none 
_pdbx_struct_assembly_auth_evidence.details                'double-stranded DNA' 
# 
_pdbx_struct_oper_list.id                   1 
_pdbx_struct_oper_list.type                 'identity operation' 
_pdbx_struct_oper_list.name                 1_555 
_pdbx_struct_oper_list.symmetry_operation   x,y,z 
_pdbx_struct_oper_list.matrix[1][1]         1.0000000000 
_pdbx_struct_oper_list.matrix[1][2]         0.0000000000 
_pdbx_struct_oper_list.matrix[1][3]         0.0000000000 
_pdbx_struct_oper_list.vector[1]            0.0000000000 
_pdbx_struct_oper_list.matrix[2][1]         0.0000000000 
_pdbx_struct_oper_list.matrix[2][2]         1.0000000000 
_pdbx_struct_oper_list.matrix[2][3]         0.0000000000 
_pdbx_struct_oper_list.vector[2]            0.0000000000 
_pdbx_struct_oper_list.matrix[3][1]         0.0000000000 
_pdbx_struct_oper_list.matrix[3][2]         0.0000000000 
_pdbx_struct_oper_list.matrix[3][3]         1.0000000000 
_pdbx_struct_oper_list.vector[3]            0.0000000000 
# 
loop_
_struct_conn.id 
_struct_conn.conn_type_id 
_struct_conn.pdbx_leaving_atom_flag 
_struct_conn.pdbx_PDB_id 
_struct_conn.ptnr1_label_asym_id 
_struct_conn.ptnr1_label_comp_id 
_struct_conn.ptnr1_label_seq_id 
_struct_conn.ptnr1_label_atom_id 
_struct_conn.pdbx_ptnr1_label_alt_id 
_struct_conn.pdbx_ptnr1_PDB_ins_code 
_struct_conn.pdbx_ptnr1_standard_comp_id 
_struct_conn.ptnr1_symmetry 
_struct_conn.ptnr2_label_asym_id 
_struct_conn.ptnr2_label_comp_id 
_struct_conn.ptnr2_label_seq_id 
_struct_conn.ptnr2_label_atom_id 
_struct_conn.pdbx_ptnr2_label_alt_id 
_struct_conn.pdbx_ptnr2_PDB_ins_code 
_struct_conn.ptnr1_auth_asym_id 
_struct_conn.ptnr1_auth_comp_id 
_struct_conn.ptnr1_auth_seq_id 
_struct_conn.ptnr2_auth_asym_id 
_struct_conn.ptnr2_auth_comp_id 
_struct_conn.ptnr2_auth_seq_id 
_struct_conn.ptnr2_symmetry 
_struct_conn.pdbx_ptnr3_label_atom_id 
_struct_conn.pdbx_ptnr3_label_seq_id 
_struct_conn.pdbx_ptnr3_label_comp_id 
_struct_conn.pdbx_ptnr3_label_asym_id 
_struct_conn.pdbx_ptnr3_label_alt_id 
_struct_conn.pdbx_ptnr3_PDB_ins_code 
_struct_conn.details 
_struct_conn.pdbx_dist_value 
_struct_conn.pdbx_value_order 
_struct_conn.pdbx_role 
metalc1  metalc ? ? A DG 3 N7 ? ? ? 1_555 C ZN . ZN ? ? A DG 3 A ZN 101 1_555 ? ? ? ? ? ? ?            2.071 ? ? 
metalc2  metalc ? ? B DG 1 N7 ? ? ? 1_555 D ZN . ZN ? ? B DG 9 B ZN 101 1_555 ? ? ? ? ? ? ?            2.072 ? ? 
hydrog1  hydrog ? ? A DG 1 N1 ? ? ? 1_555 B DC 8 N3 ? ? A DG 1 B DC 16  1_555 ? ? ? ? ? ? WATSON-CRICK ?     ? ? 
hydrog2  hydrog ? ? A DG 1 N2 ? ? ? 1_555 B DC 8 O2 ? ? A DG 1 B DC 16  1_555 ? ? ? ? ? ? WATSON-CRICK ?     ? ? 
hydrog3  hydrog ? ? A DG 1 O6 ? ? ? 1_555 B DC 8 N4 ? ? A DG 1 B DC 16  1_555 ? ? ? ? ? ? WATSON-CRICK ?     ? ? 
hydrog4  hydrog ? ? A DG 2 N1 ? ? ? 1_555 B DC 7 N3 ? ? A DG 2 B DC 15  1_555 ? ? ? ? ? ? WATSON-CRICK ?     ? ? 
hydrog5  hydrog ? ? A DG 2 N2 ? ? ? 1_555 B DC 7 O2 ? ? A DG 2 B DC 15  1_555 ? ? ? ? ? ? WATSON-CRICK ?     ? ? 
hydrog6  hydrog ? ? A DG 2 O6 ? ? ? 1_555 B DC 7 N4 ? ? A DG 2 B DC 15  1_555 ? ? ? ? ? ? WATSON-CRICK ?     ? ? 
hydrog7  hydrog ? ? A DG 3 N1 ? ? ? 1_555 B DC 6 N3 ? ? A DG 3 B DC 14  1_555 ? ? ? ? ? ? WATSON-CRICK ?     ? ? 
hydrog8  hydrog ? ? A DG 3 N2 ? ? ? 1_555 B DC 6 O2 ? ? A DG 3 B DC 14  1_555 ? ? ? ? ? ? WATSON-CRICK ?     ? ? 
hydrog9  hydrog ? ? A DG 3 O6 ? ? ? 1_555 B DC 6 N4 ? ? A DG 3 B DC 14  1_555 ? ? ? ? ? ? WATSON-CRICK ?     ? ? 
hydrog10 hydrog ? ? A DA 4 N1 ? ? ? 1_555 B DT 5 N3 ? ? A DA 4 B DT 13  1_555 ? ? ? ? ? ? WATSON-CRICK ?     ? ? 
hydrog11 hydrog ? ? A DA 4 N6 ? ? ? 1_555 B DT 5 O4 ? ? A DA 4 B DT 13  1_555 ? ? ? ? ? ? WATSON-CRICK ?     ? ? 
hydrog12 hydrog ? ? A DT 5 N3 ? ? ? 1_555 B DA 4 N1 ? ? A DT 5 B DA 12  1_555 ? ? ? ? ? ? WATSON-CRICK ?     ? ? 
hydrog13 hydrog ? ? A DT 5 O4 ? ? ? 1_555 B DA 4 N6 ? ? A DT 5 B DA 12  1_555 ? ? ? ? ? ? WATSON-CRICK ?     ? ? 
hydrog14 hydrog ? ? A DC 6 N3 ? ? ? 1_555 B DG 3 N1 ? ? A DC 6 B DG 11  1_555 ? ? ? ? ? ? WATSON-CRICK ?     ? ? 
hydrog15 hydrog ? ? A DC 6 N4 ? ? ? 1_555 B DG 3 O6 ? ? A DC 6 B DG 11  1_555 ? ? ? ? ? ? WATSON-CRICK ?     ? ? 
hydrog16 hydrog ? ? A DC 6 O2 ? ? ? 1_555 B DG 3 N2 ? ? A DC 6 B DG 11  1_555 ? ? ? ? ? ? WATSON-CRICK ?     ? ? 
hydrog17 hydrog ? ? A DC 7 N3 ? ? ? 1_555 B DG 2 N1 ? ? A DC 7 B DG 10  1_555 ? ? ? ? ? ? WATSON-CRICK ?     ? ? 
hydrog18 hydrog ? ? A DC 7 N4 ? ? ? 1_555 B DG 2 O6 ? ? A DC 7 B DG 10  1_555 ? ? ? ? ? ? WATSON-CRICK ?     ? ? 
hydrog19 hydrog ? ? A DC 7 O2 ? ? ? 1_555 B DG 2 N2 ? ? A DC 7 B DG 10  1_555 ? ? ? ? ? ? WATSON-CRICK ?     ? ? 
hydrog20 hydrog ? ? A DC 8 N3 ? ? ? 1_555 B DG 1 N1 ? ? A DC 8 B DG 9   1_555 ? ? ? ? ? ? WATSON-CRICK ?     ? ? 
hydrog21 hydrog ? ? A DC 8 N4 ? ? ? 1_555 B DG 1 O6 ? ? A DC 8 B DG 9   1_555 ? ? ? ? ? ? WATSON-CRICK ?     ? ? 
hydrog22 hydrog ? ? A DC 8 O2 ? ? ? 1_555 B DG 1 N2 ? ? A DC 8 B DG 9   1_555 ? ? ? ? ? ? WATSON-CRICK ?     ? ? 
# 
loop_
_struct_conn_type.id 
_struct_conn_type.criteria 
_struct_conn_type.reference 
metalc ? ? 
hydrog ? ? 
# 
loop_
_struct_site.id 
_struct_site.pdbx_evidence_code 
_struct_site.pdbx_auth_asym_id 
_struct_site.pdbx_auth_comp_id 
_struct_site.pdbx_auth_seq_id 
_struct_site.pdbx_auth_ins_code 
_struct_site.pdbx_num_residues 
_struct_site.details 
AC1 Software A ZN 101 ? 1 'binding site for residue ZN A 101' 
AC2 Software B ZN 101 ? 1 'binding site for residue ZN B 101' 
# 
loop_
_struct_site_gen.id 
_struct_site_gen.site_id 
_struct_site_gen.pdbx_num_res 
_struct_site_gen.label_comp_id 
_struct_site_gen.label_asym_id 
_struct_site_gen.label_seq_id 
_struct_site_gen.pdbx_auth_ins_code 
_struct_site_gen.auth_comp_id 
_struct_site_gen.auth_asym_id 
_struct_site_gen.auth_seq_id 
_struct_site_gen.label_atom_id 
_struct_site_gen.label_alt_id 
_struct_site_gen.symmetry 
_struct_site_gen.details 
1 AC1 1 DG A 3 ? DG A 3 . ? 1_555 ? 
2 AC2 1 DG B 1 ? DG B 9 . ? 1_555 ? 
# 
loop_
_chem_comp_atom.comp_id 
_chem_comp_atom.atom_id 
_chem_comp_atom.type_symbol 
_chem_comp_atom.pdbx_aromatic_flag 
_chem_comp_atom.pdbx_stereo_config 
_chem_comp_atom.pdbx_ordinal 
DA  OP3    O  N N 1   
DA  P      P  N N 2   
DA  OP1    O  N N 3   
DA  OP2    O  N N 4   
DA  "O5'"  O  N N 5   
DA  "C5'"  C  N N 6   
DA  "C4'"  C  N R 7   
DA  "O4'"  O  N N 8   
DA  "C3'"  C  N S 9   
DA  "O3'"  O  N N 10  
DA  "C2'"  C  N N 11  
DA  "C1'"  C  N R 12  
DA  N9     N  Y N 13  
DA  C8     C  Y N 14  
DA  N7     N  Y N 15  
DA  C5     C  Y N 16  
DA  C6     C  Y N 17  
DA  N6     N  N N 18  
DA  N1     N  Y N 19  
DA  C2     C  Y N 20  
DA  N3     N  Y N 21  
DA  C4     C  Y N 22  
DA  HOP3   H  N N 23  
DA  HOP2   H  N N 24  
DA  "H5'"  H  N N 25  
DA  "H5''" H  N N 26  
DA  "H4'"  H  N N 27  
DA  "H3'"  H  N N 28  
DA  "HO3'" H  N N 29  
DA  "H2'"  H  N N 30  
DA  "H2''" H  N N 31  
DA  "H1'"  H  N N 32  
DA  H8     H  N N 33  
DA  H61    H  N N 34  
DA  H62    H  N N 35  
DA  H2     H  N N 36  
DC  OP3    O  N N 37  
DC  P      P  N N 38  
DC  OP1    O  N N 39  
DC  OP2    O  N N 40  
DC  "O5'"  O  N N 41  
DC  "C5'"  C  N N 42  
DC  "C4'"  C  N R 43  
DC  "O4'"  O  N N 44  
DC  "C3'"  C  N S 45  
DC  "O3'"  O  N N 46  
DC  "C2'"  C  N N 47  
DC  "C1'"  C  N R 48  
DC  N1     N  N N 49  
DC  C2     C  N N 50  
DC  O2     O  N N 51  
DC  N3     N  N N 52  
DC  C4     C  N N 53  
DC  N4     N  N N 54  
DC  C5     C  N N 55  
DC  C6     C  N N 56  
DC  HOP3   H  N N 57  
DC  HOP2   H  N N 58  
DC  "H5'"  H  N N 59  
DC  "H5''" H  N N 60  
DC  "H4'"  H  N N 61  
DC  "H3'"  H  N N 62  
DC  "HO3'" H  N N 63  
DC  "H2'"  H  N N 64  
DC  "H2''" H  N N 65  
DC  "H1'"  H  N N 66  
DC  H41    H  N N 67  
DC  H42    H  N N 68  
DC  H5     H  N N 69  
DC  H6     H  N N 70  
DG  OP3    O  N N 71  
DG  P      P  N N 72  
DG  OP1    O  N N 73  
DG  OP2    O  N N 74  
DG  "O5'"  O  N N 75  
DG  "C5'"  C  N N 76  
DG  "C4'"  C  N R 77  
DG  "O4'"  O  N N 78  
DG  "C3'"  C  N S 79  
DG  "O3'"  O  N N 80  
DG  "C2'"  C  N N 81  
DG  "C1'"  C  N R 82  
DG  N9     N  Y N 83  
DG  C8     C  Y N 84  
DG  N7     N  Y N 85  
DG  C5     C  Y N 86  
DG  C6     C  N N 87  
DG  O6     O  N N 88  
DG  N1     N  N N 89  
DG  C2     C  N N 90  
DG  N2     N  N N 91  
DG  N3     N  N N 92  
DG  C4     C  Y N 93  
DG  HOP3   H  N N 94  
DG  HOP2   H  N N 95  
DG  "H5'"  H  N N 96  
DG  "H5''" H  N N 97  
DG  "H4'"  H  N N 98  
DG  "H3'"  H  N N 99  
DG  "HO3'" H  N N 100 
DG  "H2'"  H  N N 101 
DG  "H2''" H  N N 102 
DG  "H1'"  H  N N 103 
DG  H8     H  N N 104 
DG  H1     H  N N 105 
DG  H21    H  N N 106 
DG  H22    H  N N 107 
DT  OP3    O  N N 108 
DT  P      P  N N 109 
DT  OP1    O  N N 110 
DT  OP2    O  N N 111 
DT  "O5'"  O  N N 112 
DT  "C5'"  C  N N 113 
DT  "C4'"  C  N R 114 
DT  "O4'"  O  N N 115 
DT  "C3'"  C  N S 116 
DT  "O3'"  O  N N 117 
DT  "C2'"  C  N N 118 
DT  "C1'"  C  N R 119 
DT  N1     N  N N 120 
DT  C2     C  N N 121 
DT  O2     O  N N 122 
DT  N3     N  N N 123 
DT  C4     C  N N 124 
DT  O4     O  N N 125 
DT  C5     C  N N 126 
DT  C7     C  N N 127 
DT  C6     C  N N 128 
DT  HOP3   H  N N 129 
DT  HOP2   H  N N 130 
DT  "H5'"  H  N N 131 
DT  "H5''" H  N N 132 
DT  "H4'"  H  N N 133 
DT  "H3'"  H  N N 134 
DT  "HO3'" H  N N 135 
DT  "H2'"  H  N N 136 
DT  "H2''" H  N N 137 
DT  "H1'"  H  N N 138 
DT  H3     H  N N 139 
DT  H71    H  N N 140 
DT  H72    H  N N 141 
DT  H73    H  N N 142 
DT  H6     H  N N 143 
HOH O      O  N N 144 
HOH H1     H  N N 145 
HOH H2     H  N N 146 
ZN  ZN     ZN N N 147 
# 
loop_
_chem_comp_bond.comp_id 
_chem_comp_bond.atom_id_1 
_chem_comp_bond.atom_id_2 
_chem_comp_bond.value_order 
_chem_comp_bond.pdbx_aromatic_flag 
_chem_comp_bond.pdbx_stereo_config 
_chem_comp_bond.pdbx_ordinal 
DA  OP3   P      sing N N 1   
DA  OP3   HOP3   sing N N 2   
DA  P     OP1    doub N N 3   
DA  P     OP2    sing N N 4   
DA  P     "O5'"  sing N N 5   
DA  OP2   HOP2   sing N N 6   
DA  "O5'" "C5'"  sing N N 7   
DA  "C5'" "C4'"  sing N N 8   
DA  "C5'" "H5'"  sing N N 9   
DA  "C5'" "H5''" sing N N 10  
DA  "C4'" "O4'"  sing N N 11  
DA  "C4'" "C3'"  sing N N 12  
DA  "C4'" "H4'"  sing N N 13  
DA  "O4'" "C1'"  sing N N 14  
DA  "C3'" "O3'"  sing N N 15  
DA  "C3'" "C2'"  sing N N 16  
DA  "C3'" "H3'"  sing N N 17  
DA  "O3'" "HO3'" sing N N 18  
DA  "C2'" "C1'"  sing N N 19  
DA  "C2'" "H2'"  sing N N 20  
DA  "C2'" "H2''" sing N N 21  
DA  "C1'" N9     sing N N 22  
DA  "C1'" "H1'"  sing N N 23  
DA  N9    C8     sing Y N 24  
DA  N9    C4     sing Y N 25  
DA  C8    N7     doub Y N 26  
DA  C8    H8     sing N N 27  
DA  N7    C5     sing Y N 28  
DA  C5    C6     sing Y N 29  
DA  C5    C4     doub Y N 30  
DA  C6    N6     sing N N 31  
DA  C6    N1     doub Y N 32  
DA  N6    H61    sing N N 33  
DA  N6    H62    sing N N 34  
DA  N1    C2     sing Y N 35  
DA  C2    N3     doub Y N 36  
DA  C2    H2     sing N N 37  
DA  N3    C4     sing Y N 38  
DC  OP3   P      sing N N 39  
DC  OP3   HOP3   sing N N 40  
DC  P     OP1    doub N N 41  
DC  P     OP2    sing N N 42  
DC  P     "O5'"  sing N N 43  
DC  OP2   HOP2   sing N N 44  
DC  "O5'" "C5'"  sing N N 45  
DC  "C5'" "C4'"  sing N N 46  
DC  "C5'" "H5'"  sing N N 47  
DC  "C5'" "H5''" sing N N 48  
DC  "C4'" "O4'"  sing N N 49  
DC  "C4'" "C3'"  sing N N 50  
DC  "C4'" "H4'"  sing N N 51  
DC  "O4'" "C1'"  sing N N 52  
DC  "C3'" "O3'"  sing N N 53  
DC  "C3'" "C2'"  sing N N 54  
DC  "C3'" "H3'"  sing N N 55  
DC  "O3'" "HO3'" sing N N 56  
DC  "C2'" "C1'"  sing N N 57  
DC  "C2'" "H2'"  sing N N 58  
DC  "C2'" "H2''" sing N N 59  
DC  "C1'" N1     sing N N 60  
DC  "C1'" "H1'"  sing N N 61  
DC  N1    C2     sing N N 62  
DC  N1    C6     sing N N 63  
DC  C2    O2     doub N N 64  
DC  C2    N3     sing N N 65  
DC  N3    C4     doub N N 66  
DC  C4    N4     sing N N 67  
DC  C4    C5     sing N N 68  
DC  N4    H41    sing N N 69  
DC  N4    H42    sing N N 70  
DC  C5    C6     doub N N 71  
DC  C5    H5     sing N N 72  
DC  C6    H6     sing N N 73  
DG  OP3   P      sing N N 74  
DG  OP3   HOP3   sing N N 75  
DG  P     OP1    doub N N 76  
DG  P     OP2    sing N N 77  
DG  P     "O5'"  sing N N 78  
DG  OP2   HOP2   sing N N 79  
DG  "O5'" "C5'"  sing N N 80  
DG  "C5'" "C4'"  sing N N 81  
DG  "C5'" "H5'"  sing N N 82  
DG  "C5'" "H5''" sing N N 83  
DG  "C4'" "O4'"  sing N N 84  
DG  "C4'" "C3'"  sing N N 85  
DG  "C4'" "H4'"  sing N N 86  
DG  "O4'" "C1'"  sing N N 87  
DG  "C3'" "O3'"  sing N N 88  
DG  "C3'" "C2'"  sing N N 89  
DG  "C3'" "H3'"  sing N N 90  
DG  "O3'" "HO3'" sing N N 91  
DG  "C2'" "C1'"  sing N N 92  
DG  "C2'" "H2'"  sing N N 93  
DG  "C2'" "H2''" sing N N 94  
DG  "C1'" N9     sing N N 95  
DG  "C1'" "H1'"  sing N N 96  
DG  N9    C8     sing Y N 97  
DG  N9    C4     sing Y N 98  
DG  C8    N7     doub Y N 99  
DG  C8    H8     sing N N 100 
DG  N7    C5     sing Y N 101 
DG  C5    C6     sing N N 102 
DG  C5    C4     doub Y N 103 
DG  C6    O6     doub N N 104 
DG  C6    N1     sing N N 105 
DG  N1    C2     sing N N 106 
DG  N1    H1     sing N N 107 
DG  C2    N2     sing N N 108 
DG  C2    N3     doub N N 109 
DG  N2    H21    sing N N 110 
DG  N2    H22    sing N N 111 
DG  N3    C4     sing N N 112 
DT  OP3   P      sing N N 113 
DT  OP3   HOP3   sing N N 114 
DT  P     OP1    doub N N 115 
DT  P     OP2    sing N N 116 
DT  P     "O5'"  sing N N 117 
DT  OP2   HOP2   sing N N 118 
DT  "O5'" "C5'"  sing N N 119 
DT  "C5'" "C4'"  sing N N 120 
DT  "C5'" "H5'"  sing N N 121 
DT  "C5'" "H5''" sing N N 122 
DT  "C4'" "O4'"  sing N N 123 
DT  "C4'" "C3'"  sing N N 124 
DT  "C4'" "H4'"  sing N N 125 
DT  "O4'" "C1'"  sing N N 126 
DT  "C3'" "O3'"  sing N N 127 
DT  "C3'" "C2'"  sing N N 128 
DT  "C3'" "H3'"  sing N N 129 
DT  "O3'" "HO3'" sing N N 130 
DT  "C2'" "C1'"  sing N N 131 
DT  "C2'" "H2'"  sing N N 132 
DT  "C2'" "H2''" sing N N 133 
DT  "C1'" N1     sing N N 134 
DT  "C1'" "H1'"  sing N N 135 
DT  N1    C2     sing N N 136 
DT  N1    C6     sing N N 137 
DT  C2    O2     doub N N 138 
DT  C2    N3     sing N N 139 
DT  N3    C4     sing N N 140 
DT  N3    H3     sing N N 141 
DT  C4    O4     doub N N 142 
DT  C4    C5     sing N N 143 
DT  C5    C7     sing N N 144 
DT  C5    C6     doub N N 145 
DT  C7    H71    sing N N 146 
DT  C7    H72    sing N N 147 
DT  C7    H73    sing N N 148 
DT  C6    H6     sing N N 149 
HOH O     H1     sing N N 150 
HOH O     H2     sing N N 151 
# 
_ndb_struct_conf_na.entry_id   6DY9 
_ndb_struct_conf_na.feature    'a-form double helix' 
# 
loop_
_ndb_struct_na_base_pair.model_number 
_ndb_struct_na_base_pair.i_label_asym_id 
_ndb_struct_na_base_pair.i_label_comp_id 
_ndb_struct_na_base_pair.i_label_seq_id 
_ndb_struct_na_base_pair.i_symmetry 
_ndb_struct_na_base_pair.j_label_asym_id 
_ndb_struct_na_base_pair.j_label_comp_id 
_ndb_struct_na_base_pair.j_label_seq_id 
_ndb_struct_na_base_pair.j_symmetry 
_ndb_struct_na_base_pair.shear 
_ndb_struct_na_base_pair.stretch 
_ndb_struct_na_base_pair.stagger 
_ndb_struct_na_base_pair.buckle 
_ndb_struct_na_base_pair.propeller 
_ndb_struct_na_base_pair.opening 
_ndb_struct_na_base_pair.pair_number 
_ndb_struct_na_base_pair.pair_name 
_ndb_struct_na_base_pair.i_auth_asym_id 
_ndb_struct_na_base_pair.i_auth_seq_id 
_ndb_struct_na_base_pair.i_PDB_ins_code 
_ndb_struct_na_base_pair.j_auth_asym_id 
_ndb_struct_na_base_pair.j_auth_seq_id 
_ndb_struct_na_base_pair.j_PDB_ins_code 
_ndb_struct_na_base_pair.hbond_type_28 
_ndb_struct_na_base_pair.hbond_type_12 
1 A DG 1 1_555 B DC 8 1_555 -0.698 -0.198 -0.268 -10.688 -9.520  -2.795 1 A_DG1:DC16_B A 1 ? B 16 ? 19 1 
1 A DG 2 1_555 B DC 7 1_555 -0.430 -0.227 -0.389 -3.301  -6.430  -0.917 2 A_DG2:DC15_B A 2 ? B 15 ? 19 1 
1 A DG 3 1_555 B DC 6 1_555 -0.301 0.002  -0.883 -16.183 -13.759 4.218  3 A_DG3:DC14_B A 3 ? B 14 ? 19 1 
1 A DA 4 1_555 B DT 5 1_555 -0.100 0.027  -0.375 -25.910 -1.886  3.779  4 A_DA4:DT13_B A 4 ? B 13 ? 20 1 
1 A DT 5 1_555 B DA 4 1_555 0.018  -0.045 -0.035 3.224   -8.922  0.883  5 A_DT5:DA12_B A 5 ? B 12 ? 20 1 
1 A DC 6 1_555 B DG 3 1_555 0.320  -0.055 -0.442 8.854   -11.803 1.079  6 A_DC6:DG11_B A 6 ? B 11 ? 19 1 
1 A DC 7 1_555 B DG 2 1_555 0.429  0.016  -0.406 6.521   -0.942  0.079  7 A_DC7:DG10_B A 7 ? B 10 ? 19 1 
1 A DC 8 1_555 B DG 1 1_555 0.460  -0.062 -0.570 19.365  0.733   3.897  8 A_DC8:DG9_B  A 8 ? B 9  ? 19 1 
# 
loop_
_ndb_struct_na_base_pair_step.model_number 
_ndb_struct_na_base_pair_step.i_label_asym_id_1 
_ndb_struct_na_base_pair_step.i_label_comp_id_1 
_ndb_struct_na_base_pair_step.i_label_seq_id_1 
_ndb_struct_na_base_pair_step.i_symmetry_1 
_ndb_struct_na_base_pair_step.j_label_asym_id_1 
_ndb_struct_na_base_pair_step.j_label_comp_id_1 
_ndb_struct_na_base_pair_step.j_label_seq_id_1 
_ndb_struct_na_base_pair_step.j_symmetry_1 
_ndb_struct_na_base_pair_step.i_label_asym_id_2 
_ndb_struct_na_base_pair_step.i_label_comp_id_2 
_ndb_struct_na_base_pair_step.i_label_seq_id_2 
_ndb_struct_na_base_pair_step.i_symmetry_2 
_ndb_struct_na_base_pair_step.j_label_asym_id_2 
_ndb_struct_na_base_pair_step.j_label_comp_id_2 
_ndb_struct_na_base_pair_step.j_label_seq_id_2 
_ndb_struct_na_base_pair_step.j_symmetry_2 
_ndb_struct_na_base_pair_step.shift 
_ndb_struct_na_base_pair_step.slide 
_ndb_struct_na_base_pair_step.rise 
_ndb_struct_na_base_pair_step.tilt 
_ndb_struct_na_base_pair_step.roll 
_ndb_struct_na_base_pair_step.twist 
_ndb_struct_na_base_pair_step.x_displacement 
_ndb_struct_na_base_pair_step.y_displacement 
_ndb_struct_na_base_pair_step.helical_rise 
_ndb_struct_na_base_pair_step.inclination 
_ndb_struct_na_base_pair_step.tip 
_ndb_struct_na_base_pair_step.helical_twist 
_ndb_struct_na_base_pair_step.step_number 
_ndb_struct_na_base_pair_step.step_name 
_ndb_struct_na_base_pair_step.i_auth_asym_id_1 
_ndb_struct_na_base_pair_step.i_auth_seq_id_1 
_ndb_struct_na_base_pair_step.i_PDB_ins_code_1 
_ndb_struct_na_base_pair_step.j_auth_asym_id_1 
_ndb_struct_na_base_pair_step.j_auth_seq_id_1 
_ndb_struct_na_base_pair_step.j_PDB_ins_code_1 
_ndb_struct_na_base_pair_step.i_auth_asym_id_2 
_ndb_struct_na_base_pair_step.i_auth_seq_id_2 
_ndb_struct_na_base_pair_step.i_PDB_ins_code_2 
_ndb_struct_na_base_pair_step.j_auth_asym_id_2 
_ndb_struct_na_base_pair_step.j_auth_seq_id_2 
_ndb_struct_na_base_pair_step.j_PDB_ins_code_2 
1 A DG 1 1_555 B DC 8 1_555 A DG 2 1_555 B DC 7 1_555 -0.157 -1.433 3.113 -1.578 8.216  32.264 -3.734 0.038  2.682 14.483 2.782  
33.303 1 AA_DG1DG2:DC15DC16_BB A 1 ? B 16 ? A 2 ? B 15 ? 
1 A DG 2 1_555 B DC 7 1_555 A DG 3 1_555 B DC 6 1_555 0.621  -1.832 3.788 2.509  10.376 32.374 -4.918 -0.628 3.108 18.008 -4.355 
34.044 2 AA_DG2DG3:DC14DC15_BB A 2 ? B 15 ? A 3 ? B 14 ? 
1 A DG 3 1_555 B DC 6 1_555 A DA 4 1_555 B DT 5 1_555 -0.281 -1.833 3.630 -4.213 13.510 31.484 -5.214 -0.186 2.659 23.470 7.320  
34.445 3 AA_DG3DA4:DT13DC14_BB A 3 ? B 14 ? A 4 ? B 13 ? 
1 A DA 4 1_555 B DT 5 1_555 A DT 5 1_555 B DA 4 1_555 -0.128 -0.869 2.646 -0.833 2.610  28.323 -2.245 0.109  2.560 5.319  1.697  
28.453 4 AA_DA4DT5:DA12DT13_BB A 4 ? B 13 ? A 5 ? B 12 ? 
1 A DT 5 1_555 B DA 4 1_555 A DC 6 1_555 B DG 3 1_555 0.039  -1.305 3.181 3.081  8.799  31.981 -3.634 0.406  2.728 15.562 -5.449 
33.278 5 AA_DT5DC6:DG11DA12_BB A 5 ? B 12 ? A 6 ? B 11 ? 
1 A DC 6 1_555 B DG 3 1_555 A DC 7 1_555 B DG 2 1_555 0.356  -1.796 3.642 -0.663 4.881  29.909 -4.488 -0.825 3.305 9.377  1.273  
30.303 6 AA_DC6DC7:DG10DG11_BB A 6 ? B 11 ? A 7 ? B 10 ? 
1 A DC 7 1_555 B DG 2 1_555 A DC 8 1_555 B DG 1 1_555 -0.292 -1.969 3.124 0.460  4.476  26.720 -5.229 0.729  2.758 9.599  -0.986 
27.090 7 AA_DC7DC8:DG9DG10_BB  A 7 ? B 10 ? A 8 ? B 9  ? 
# 
_pdbx_audit_support.funding_organization   'Department of Defense (DOD, United States)' 
_pdbx_audit_support.country                'United States' 
_pdbx_audit_support.grant_number           PC150300P1 
_pdbx_audit_support.ordinal                1 
# 
_atom_sites.entry_id                    6DY9 
_atom_sites.fract_transf_matrix[1][1]   0.00883521 
_atom_sites.fract_transf_matrix[1][2]   0.02175463 
_atom_sites.fract_transf_matrix[1][3]   -0.00853073 
_atom_sites.fract_transf_matrix[2][1]   0.02369231 
_atom_sites.fract_transf_matrix[2][2]   0.00168620 
_atom_sites.fract_transf_matrix[2][3]   -0.00774154 
_atom_sites.fract_transf_matrix[3][1]   -0.00656261 
_atom_sites.fract_transf_matrix[3][2]   -0.00569706 
_atom_sites.fract_transf_matrix[3][3]   -0.02132520 
_atom_sites.fract_transf_vector[1]      -0.465780 
_atom_sites.fract_transf_vector[2]      -0.024708 
_atom_sites.fract_transf_vector[3]      -0.015304 
# 
loop_
_atom_type.symbol 
C  
N  
O  
P  
ZN 
# 
loop_
_atom_site.group_PDB 
_atom_site.id 
_atom_site.type_symbol 
_atom_site.label_atom_id 
_atom_site.label_alt_id 
_atom_site.label_comp_id 
_atom_site.label_asym_id 
_atom_site.label_entity_id 
_atom_site.label_seq_id 
_atom_site.pdbx_PDB_ins_code 
_atom_site.Cartn_x 
_atom_site.Cartn_y 
_atom_site.Cartn_z 
_atom_site.occupancy 
_atom_site.B_iso_or_equiv 
_atom_site.pdbx_formal_charge 
_atom_site.auth_seq_id 
_atom_site.auth_comp_id 
_atom_site.auth_asym_id 
_atom_site.auth_atom_id 
_atom_site.pdbx_PDB_model_num 
ATOM   1   O  "O5'" . DG  A 1 1 ? -11.505 5.104   5.970   1.00 70.83  ? 1   DG  A "O5'" 1 
ATOM   2   C  "C5'" . DG  A 1 1 ? -11.200 3.707   5.794   1.00 70.22  ? 1   DG  A "C5'" 1 
ATOM   3   C  "C4'" . DG  A 1 1 ? -12.323 3.005   5.066   1.00 69.78  ? 1   DG  A "C4'" 1 
ATOM   4   O  "O4'" . DG  A 1 1 ? -12.926 3.879   4.080   1.00 69.12  ? 1   DG  A "O4'" 1 
ATOM   5   C  "C3'" . DG  A 1 1 ? -11.908 1.757   4.292   1.00 69.66  ? 1   DG  A "C3'" 1 
ATOM   6   O  "O3'" . DG  A 1 1 ? -11.911 0.608   5.145   1.00 70.17  ? 1   DG  A "O3'" 1 
ATOM   7   C  "C2'" . DG  A 1 1 ? -12.948 1.700   3.191   1.00 69.26  ? 1   DG  A "C2'" 1 
ATOM   8   C  "C1'" . DG  A 1 1 ? -13.099 3.175   2.851   1.00 68.97  ? 1   DG  A "C1'" 1 
ATOM   9   N  N9    . DG  A 1 1 ? -12.094 3.662   1.911   1.00 68.84  ? 1   DG  A N9    1 
ATOM   10  C  C8    . DG  A 1 1 ? -11.085 4.555   2.179   1.00 68.89  ? 1   DG  A C8    1 
ATOM   11  N  N7    . DG  A 1 1 ? -10.325 4.794   1.145   1.00 68.76  ? 1   DG  A N7    1 
ATOM   12  C  C5    . DG  A 1 1 ? -10.860 4.008   0.135   1.00 68.72  ? 1   DG  A C5    1 
ATOM   13  C  C6    . DG  A 1 1 ? -10.456 3.846   -1.216  1.00 68.73  ? 1   DG  A C6    1 
ATOM   14  O  O6    . DG  A 1 1 ? -9.514  4.386   -1.809  1.00 68.68  ? 1   DG  A O6    1 
ATOM   15  N  N1    . DG  A 1 1 ? -11.279 2.952   -1.894  1.00 68.54  ? 1   DG  A N1    1 
ATOM   16  C  C2    . DG  A 1 1 ? -12.349 2.291   -1.342  1.00 68.39  ? 1   DG  A C2    1 
ATOM   17  N  N2    . DG  A 1 1 ? -13.020 1.466   -2.159  1.00 68.38  ? 1   DG  A N2    1 
ATOM   18  N  N3    . DG  A 1 1 ? -12.737 2.432   -0.084  1.00 68.57  ? 1   DG  A N3    1 
ATOM   19  C  C4    . DG  A 1 1 ? -11.951 3.300   0.592   1.00 68.78  ? 1   DG  A C4    1 
ATOM   20  P  P     . DG  A 1 2 ? -10.619 -0.332  5.225   1.00 70.95  ? 2   DG  A P     1 
ATOM   21  O  OP1   . DG  A 1 2 ? -10.767 -1.214  6.411   1.00 71.55  ? 2   DG  A OP1   1 
ATOM   22  O  OP2   . DG  A 1 2 ? -9.412  0.523   5.096   1.00 70.73  ? 2   DG  A OP2   1 
ATOM   23  O  "O5'" . DG  A 1 2 ? -10.757 -1.235  3.920   1.00 71.36  ? 2   DG  A "O5'" 1 
ATOM   24  C  "C5'" . DG  A 1 2 ? -11.897 -2.097  3.754   1.00 71.86  ? 2   DG  A "C5'" 1 
ATOM   25  C  "C4'" . DG  A 1 2 ? -12.033 -2.556  2.321   1.00 72.30  ? 2   DG  A "C4'" 1 
ATOM   26  O  "O4'" . DG  A 1 2 ? -12.336 -1.442  1.448   1.00 71.63  ? 2   DG  A "O4'" 1 
ATOM   27  C  "C3'" . DG  A 1 2 ? -10.796 -3.187  1.697   1.00 73.15  ? 2   DG  A "C3'" 1 
ATOM   28  O  "O3'" . DG  A 1 2 ? -10.565 -4.534  2.115   1.00 75.48  ? 2   DG  A "O3'" 1 
ATOM   29  C  "C2'" . DG  A 1 2 ? -11.120 -3.069  0.222   1.00 72.32  ? 2   DG  A "C2'" 1 
ATOM   30  C  "C1'" . DG  A 1 2 ? -11.740 -1.677  0.167   1.00 71.00  ? 2   DG  A "C1'" 1 
ATOM   31  N  N9    . DG  A 1 2 ? -10.744 -0.637  -0.069  1.00 69.10  ? 2   DG  A N9    1 
ATOM   32  C  C8    . DG  A 1 2 ? -10.208 0.232   0.851   1.00 68.23  ? 2   DG  A C8    1 
ATOM   33  N  N7    . DG  A 1 2 ? -9.313  1.031   0.337   1.00 67.65  ? 2   DG  A N7    1 
ATOM   34  C  C5    . DG  A 1 2 ? -9.241  0.656   -0.997  1.00 67.33  ? 2   DG  A C5    1 
ATOM   35  C  C6    . DG  A 1 2 ? -8.444  1.166   -2.055  1.00 66.58  ? 2   DG  A C6    1 
ATOM   36  O  O6    . DG  A 1 2 ? -7.612  2.081   -2.021  1.00 66.35  ? 2   DG  A O6    1 
ATOM   37  N  N1    . DG  A 1 2 ? -8.689  0.496   -3.249  1.00 66.15  ? 2   DG  A N1    1 
ATOM   38  C  C2    . DG  A 1 2 ? -9.585  -0.532  -3.408  1.00 66.33  ? 2   DG  A C2    1 
ATOM   39  N  N2    . DG  A 1 2 ? -9.680  -1.051  -4.642  1.00 66.38  ? 2   DG  A N2    1 
ATOM   40  N  N3    . DG  A 1 2 ? -10.336 -1.015  -2.432  1.00 67.21  ? 2   DG  A N3    1 
ATOM   41  C  C4    . DG  A 1 2 ? -10.114 -0.378  -1.262  1.00 67.95  ? 2   DG  A C4    1 
ATOM   42  P  P     . DG  A 1 3 ? -9.070  -5.108  2.136   1.00 77.96  ? 3   DG  A P     1 
ATOM   43  O  OP1   . DG  A 1 3 ? -9.129  -6.526  2.574   1.00 78.58  ? 3   DG  A OP1   1 
ATOM   44  O  OP2   . DG  A 1 3 ? -8.219  -4.146  2.885   1.00 77.46  ? 3   DG  A OP2   1 
ATOM   45  O  "O5'" . DG  A 1 3 ? -8.646  -5.067  0.599   1.00 77.34  ? 3   DG  A "O5'" 1 
ATOM   46  C  "C5'" . DG  A 1 3 ? -8.981  -6.154  -0.282  1.00 77.34  ? 3   DG  A "C5'" 1 
ATOM   47  C  "C4'" . DG  A 1 3 ? -8.584  -5.850  -1.709  1.00 77.19  ? 3   DG  A "C4'" 1 
ATOM   48  O  "O4'" . DG  A 1 3 ? -8.900  -4.485  -2.067  1.00 77.33  ? 3   DG  A "O4'" 1 
ATOM   49  C  "C3'" . DG  A 1 3 ? -7.101  -5.981  -2.028  1.00 76.75  ? 3   DG  A "C3'" 1 
ATOM   50  O  "O3'" . DG  A 1 3 ? -6.679  -7.340  -2.181  1.00 75.42  ? 3   DG  A "O3'" 1 
ATOM   51  C  "C2'" . DG  A 1 3 ? -7.003  -5.181  -3.310  1.00 77.21  ? 3   DG  A "C2'" 1 
ATOM   52  C  "C1'" . DG  A 1 3 ? -7.935  -4.010  -3.012  1.00 77.53  ? 3   DG  A "C1'" 1 
ATOM   53  N  N9    . DG  A 1 3 ? -7.237  -2.875  -2.418  1.00 78.01  ? 3   DG  A N9    1 
ATOM   54  C  C8    . DG  A 1 3 ? -7.332  -2.418  -1.125  1.00 78.85  ? 3   DG  A C8    1 
ATOM   55  N  N7    . DG  A 1 3 ? -6.560  -1.393  -0.888  1.00 82.37  ? 3   DG  A N7    1 
ATOM   56  C  C5    . DG  A 1 3 ? -5.908  -1.167  -2.092  1.00 77.94  ? 3   DG  A C5    1 
ATOM   57  C  C6    . DG  A 1 3 ? -4.946  -0.185  -2.446  1.00 77.12  ? 3   DG  A C6    1 
ATOM   58  O  O6    . DG  A 1 3 ? -4.463  0.710   -1.743  1.00 76.56  ? 3   DG  A O6    1 
ATOM   59  N  N1    . DG  A 1 3 ? -4.546  -0.316  -3.773  1.00 76.69  ? 3   DG  A N1    1 
ATOM   60  C  C2    . DG  A 1 3 ? -5.011  -1.269  -4.646  1.00 76.85  ? 3   DG  A C2    1 
ATOM   61  N  N2    . DG  A 1 3 ? -4.506  -1.231  -5.887  1.00 77.22  ? 3   DG  A N2    1 
ATOM   62  N  N3    . DG  A 1 3 ? -5.909  -2.187  -4.329  1.00 77.03  ? 3   DG  A N3    1 
ATOM   63  C  C4    . DG  A 1 3 ? -6.310  -2.077  -3.045  1.00 77.76  ? 3   DG  A C4    1 
ATOM   64  P  P     . DA  A 1 4 ? -5.148  -7.730  -1.918  1.00 73.42  ? 4   DA  A P     1 
ATOM   65  O  OP1   . DA  A 1 4 ? -4.992  -9.184  -2.179  1.00 74.40  ? 4   DA  A OP1   1 
ATOM   66  O  OP2   . DA  A 1 4 ? -4.751  -7.175  -0.599  1.00 72.56  ? 4   DA  A OP2   1 
ATOM   67  O  "O5'" . DA  A 1 4 ? -4.372  -6.919  -3.047  1.00 70.66  ? 4   DA  A "O5'" 1 
ATOM   68  C  "C5'" . DA  A 1 4 ? -4.480  -7.287  -4.436  1.00 67.94  ? 4   DA  A "C5'" 1 
ATOM   69  C  "C4'" . DA  A 1 4 ? -3.316  -6.726  -5.220  1.00 66.07  ? 4   DA  A "C4'" 1 
ATOM   70  O  "O4'" . DA  A 1 4 ? -3.434  -5.288  -5.314  1.00 65.12  ? 4   DA  A "O4'" 1 
ATOM   71  C  "C3'" . DA  A 1 4 ? -1.945  -6.969  -4.601  1.00 65.14  ? 4   DA  A "C3'" 1 
ATOM   72  O  "O3'" . DA  A 1 4 ? -1.422  -8.238  -5.005  1.00 64.68  ? 4   DA  A "O3'" 1 
ATOM   73  C  "C2'" . DA  A 1 4 ? -1.125  -5.814  -5.143  1.00 64.58  ? 4   DA  A "C2'" 1 
ATOM   74  C  "C1'" . DA  A 1 4 ? -2.143  -4.685  -5.276  1.00 64.05  ? 4   DA  A "C1'" 1 
ATOM   75  N  N9    . DA  A 1 4 ? -2.126  -3.725  -4.172  1.00 62.71  ? 4   DA  A N9    1 
ATOM   76  C  C8    . DA  A 1 4 ? -2.964  -3.667  -3.086  1.00 62.06  ? 4   DA  A C8    1 
ATOM   77  N  N7    . DA  A 1 4 ? -2.696  -2.681  -2.263  1.00 61.60  ? 4   DA  A N7    1 
ATOM   78  C  C5    . DA  A 1 4 ? -1.607  -2.048  -2.846  1.00 61.49  ? 4   DA  A C5    1 
ATOM   79  C  C6    . DA  A 1 4 ? -0.847  -0.928  -2.465  1.00 61.43  ? 4   DA  A C6    1 
ATOM   80  N  N6    . DA  A 1 4 ? -1.079  -0.219  -1.357  1.00 61.52  ? 4   DA  A N6    1 
ATOM   81  N  N1    . DA  A 1 4 ? 0.173   -0.558  -3.270  1.00 61.39  ? 4   DA  A N1    1 
ATOM   82  C  C2    . DA  A 1 4 ? 0.405   -1.269  -4.381  1.00 61.28  ? 4   DA  A C2    1 
ATOM   83  N  N3    . DA  A 1 4 ? -0.236  -2.341  -4.843  1.00 61.63  ? 4   DA  A N3    1 
ATOM   84  C  C4    . DA  A 1 4 ? -1.245  -2.680  -4.022  1.00 61.90  ? 4   DA  A C4    1 
ATOM   85  P  P     . DT  A 1 5 ? -0.302  -8.957  -4.124  1.00 64.59  ? 5   DT  A P     1 
ATOM   86  O  OP1   . DT  A 1 5 ? 0.014   -10.259 -4.763  1.00 65.04  ? 5   DT  A OP1   1 
ATOM   87  O  OP2   . DT  A 1 5 ? -0.740  -8.924  -2.705  1.00 64.10  ? 5   DT  A OP2   1 
ATOM   88  O  "O5'" . DT  A 1 5 ? 0.953   -7.988  -4.284  1.00 63.66  ? 5   DT  A "O5'" 1 
ATOM   89  C  "C5'" . DT  A 1 5 ? 1.984   -8.271  -5.246  1.00 62.94  ? 5   DT  A "C5'" 1 
ATOM   90  C  "C4'" . DT  A 1 5 ? 2.857   -7.058  -5.477  1.00 62.55  ? 5   DT  A "C4'" 1 
ATOM   91  O  "O4'" . DT  A 1 5 ? 2.114   -5.835  -5.281  1.00 62.03  ? 5   DT  A "O4'" 1 
ATOM   92  C  "C3'" . DT  A 1 5 ? 4.050   -6.926  -4.542  1.00 62.71  ? 5   DT  A "C3'" 1 
ATOM   93  O  "O3'" . DT  A 1 5 ? 5.136   -7.766  -4.942  1.00 63.72  ? 5   DT  A "O3'" 1 
ATOM   94  C  "C2'" . DT  A 1 5 ? 4.378   -5.452  -4.662  1.00 62.33  ? 5   DT  A "C2'" 1 
ATOM   95  C  "C1'" . DT  A 1 5 ? 3.006   -4.807  -4.845  1.00 61.71  ? 5   DT  A "C1'" 1 
ATOM   96  N  N1    . DT  A 1 5 ? 2.460   -4.213  -3.608  1.00 60.80  ? 5   DT  A N1    1 
ATOM   97  C  C2    . DT  A 1 5 ? 2.873   -2.943  -3.268  1.00 60.46  ? 5   DT  A C2    1 
ATOM   98  O  O2    . DT  A 1 5 ? 3.648   -2.289  -3.947  1.00 60.34  ? 5   DT  A O2    1 
ATOM   99  N  N3    . DT  A 1 5 ? 2.332   -2.459  -2.102  1.00 60.16  ? 5   DT  A N3    1 
ATOM   100 C  C4    . DT  A 1 5 ? 1.449   -3.108  -1.258  1.00 59.96  ? 5   DT  A C4    1 
ATOM   101 O  O4    . DT  A 1 5 ? 1.047   -2.545  -0.244  1.00 60.01  ? 5   DT  A O4    1 
ATOM   102 C  C5    . DT  A 1 5 ? 1.066   -4.439  -1.673  1.00 59.87  ? 5   DT  A C5    1 
ATOM   103 C  C7    . DT  A 1 5 ? 0.114   -5.220  -0.823  1.00 59.86  ? 5   DT  A C7    1 
ATOM   104 C  C6    . DT  A 1 5 ? 1.590   -4.921  -2.807  1.00 60.23  ? 5   DT  A C6    1 
ATOM   105 P  P     . DC  A 1 6 ? 6.162   -8.319  -3.847  1.00 64.72  ? 6   DC  A P     1 
ATOM   106 O  OP1   . DC  A 1 6 ? 7.074   -9.281  -4.515  1.00 65.07  ? 6   DC  A OP1   1 
ATOM   107 O  OP2   . DC  A 1 6 ? 5.382   -8.746  -2.656  1.00 64.53  ? 6   DC  A OP2   1 
ATOM   108 O  "O5'" . DC  A 1 6 ? 7.002   -7.024  -3.458  1.00 64.46  ? 6   DC  A "O5'" 1 
ATOM   109 C  "C5'" . DC  A 1 6 ? 7.966   -6.480  -4.373  1.00 64.81  ? 6   DC  A "C5'" 1 
ATOM   110 C  "C4'" . DC  A 1 6 ? 8.463   -5.140  -3.882  1.00 65.01  ? 6   DC  A "C4'" 1 
ATOM   111 O  "O4'" . DC  A 1 6 ? 7.355   -4.237  -3.675  1.00 64.52  ? 6   DC  A "O4'" 1 
ATOM   112 C  "C3'" . DC  A 1 6 ? 9.181   -5.164  -2.539  1.00 65.15  ? 6   DC  A "C3'" 1 
ATOM   113 O  "O3'" . DC  A 1 6 ? 10.544  -5.579  -2.656  1.00 66.15  ? 6   DC  A "O3'" 1 
ATOM   114 C  "C2'" . DC  A 1 6 ? 9.052   -3.722  -2.090  1.00 64.92  ? 6   DC  A "C2'" 1 
ATOM   115 C  "C1'" . DC  A 1 6 ? 7.697   -3.300  -2.653  1.00 64.21  ? 6   DC  A "C1'" 1 
ATOM   116 N  N1    . DC  A 1 6 ? 6.620   -3.300  -1.648  1.00 63.44  ? 6   DC  A N1    1 
ATOM   117 C  C2    . DC  A 1 6 ? 6.402   -2.137  -0.901  1.00 63.22  ? 6   DC  A C2    1 
ATOM   118 O  O2    . DC  A 1 6 ? 7.104   -1.140  -1.125  1.00 63.70  ? 6   DC  A O2    1 
ATOM   119 N  N3    . DC  A 1 6 ? 5.427   -2.127  0.038   1.00 62.49  ? 6   DC  A N3    1 
ATOM   120 C  C4    . DC  A 1 6 ? 4.693   -3.222  0.250   1.00 61.72  ? 6   DC  A C4    1 
ATOM   121 N  N4    . DC  A 1 6 ? 3.742   -3.166  1.184   1.00 61.29  ? 6   DC  A N4    1 
ATOM   122 C  C5    . DC  A 1 6 ? 4.902   -4.423  -0.489  1.00 62.04  ? 6   DC  A C5    1 
ATOM   123 C  C6    . DC  A 1 6 ? 5.872   -4.420  -1.413  1.00 62.62  ? 6   DC  A C6    1 
ATOM   124 P  P     . DC  A 1 7 ? 11.306  -6.171  -1.379  1.00 67.22  ? 7   DC  A P     1 
ATOM   125 O  OP1   . DC  A 1 7 ? 12.701  -6.482  -1.781  1.00 66.83  ? 7   DC  A OP1   1 
ATOM   126 O  OP2   . DC  A 1 7 ? 10.455  -7.237  -0.789  1.00 66.43  ? 7   DC  A OP2   1 
ATOM   127 O  "O5'" . DC  A 1 7 ? 11.333  -4.938  -0.370  1.00 67.25  ? 7   DC  A "O5'" 1 
ATOM   128 C  "C5'" . DC  A 1 7 ? 12.418  -3.993  -0.398  1.00 67.90  ? 7   DC  A "C5'" 1 
ATOM   129 C  "C4'" . DC  A 1 7 ? 12.162  -2.836  0.542   1.00 68.02  ? 7   DC  A "C4'" 1 
ATOM   130 O  "O4'" . DC  A 1 7 ? 10.771  -2.453  0.529   1.00 67.84  ? 7   DC  A "O4'" 1 
ATOM   131 C  "C3'" . DC  A 1 7 ? 12.461  -3.107  2.010   1.00 68.37  ? 7   DC  A "C3'" 1 
ATOM   132 O  "O3'" . DC  A 1 7 ? 13.855  -3.001  2.311   1.00 69.07  ? 7   DC  A "O3'" 1 
ATOM   133 C  "C2'" . DC  A 1 7 ? 11.648  -2.028  2.703   1.00 68.36  ? 7   DC  A "C2'" 1 
ATOM   134 C  "C1'" . DC  A 1 7 ? 10.458  -1.812  1.766   1.00 68.10  ? 7   DC  A "C1'" 1 
ATOM   135 N  N1    . DC  A 1 7 ? 9.200   -2.379  2.279   1.00 68.28  ? 7   DC  A N1    1 
ATOM   136 C  C2    . DC  A 1 7 ? 8.491   -1.663  3.248   1.00 68.23  ? 7   DC  A C2    1 
ATOM   137 O  O2    . DC  A 1 7 ? 8.934   -0.568  3.627   1.00 68.46  ? 7   DC  A O2    1 
ATOM   138 N  N3    . DC  A 1 7 ? 7.340   -2.176  3.741   1.00 68.16  ? 7   DC  A N3    1 
ATOM   139 C  C4    . DC  A 1 7 ? 6.898   -3.359  3.308   1.00 68.11  ? 7   DC  A C4    1 
ATOM   140 N  N4    . DC  A 1 7 ? 5.757   -3.826  3.820   1.00 68.16  ? 7   DC  A N4    1 
ATOM   141 C  C5    . DC  A 1 7 ? 7.606   -4.115  2.328   1.00 68.24  ? 7   DC  A C5    1 
ATOM   142 C  C6    . DC  A 1 7 ? 8.744   -3.596  1.850   1.00 68.21  ? 7   DC  A C6    1 
ATOM   143 P  P     . DC  A 1 8 ? 14.410  -3.529  3.718   1.00 69.90  ? 8   DC  A P     1 
ATOM   144 O  OP1   . DC  A 1 8 ? 15.888  -3.378  3.714   1.00 70.61  ? 8   DC  A OP1   1 
ATOM   145 O  OP2   . DC  A 1 8 ? 13.808  -4.862  3.980   1.00 69.01  ? 8   DC  A OP2   1 
ATOM   146 O  "O5'" . DC  A 1 8 ? 13.794  -2.494  4.761   1.00 69.26  ? 8   DC  A "O5'" 1 
ATOM   147 C  "C5'" . DC  A 1 8 ? 14.628  -1.563  5.475   1.00 68.66  ? 8   DC  A "C5'" 1 
ATOM   148 C  "C4'" . DC  A 1 8 ? 13.820  -0.834  6.524   1.00 68.15  ? 8   DC  A "C4'" 1 
ATOM   149 O  "O4'" . DC  A 1 8 ? 12.420  -0.866  6.176   1.00 67.47  ? 8   DC  A "O4'" 1 
ATOM   150 C  "C3'" . DC  A 1 8 ? 13.893  -1.456  7.912   1.00 68.21  ? 8   DC  A "C3'" 1 
ATOM   151 O  "O3'" . DC  A 1 8 ? 15.004  -0.934  8.650   1.00 68.61  ? 8   DC  A "O3'" 1 
ATOM   152 C  "C2'" . DC  A 1 8 ? 12.562  -1.078  8.540   1.00 67.96  ? 8   DC  A "C2'" 1 
ATOM   153 C  "C1'" . DC  A 1 8 ? 11.637  -0.783  7.360   1.00 67.53  ? 8   DC  A "C1'" 1 
ATOM   154 N  N1    . DC  A 1 8 ? 10.502  -1.714  7.225   1.00 67.15  ? 8   DC  A N1    1 
ATOM   155 C  C2    . DC  A 1 8 ? 9.339   -1.459  7.958   1.00 67.37  ? 8   DC  A C2    1 
ATOM   156 O  O2    . DC  A 1 8 ? 9.301   -0.461  8.695   1.00 68.00  ? 8   DC  A O2    1 
ATOM   157 N  N3    . DC  A 1 8 ? 8.287   -2.304  7.846   1.00 66.61  ? 8   DC  A N3    1 
ATOM   158 C  C4    . DC  A 1 8 ? 8.367   -3.366  7.041   1.00 65.90  ? 8   DC  A C4    1 
ATOM   159 N  N4    . DC  A 1 8 ? 7.306   -4.172  6.960   1.00 65.31  ? 8   DC  A N4    1 
ATOM   160 C  C5    . DC  A 1 8 ? 9.542   -3.650  6.285   1.00 66.12  ? 8   DC  A C5    1 
ATOM   161 C  C6    . DC  A 1 8 ? 10.576  -2.807  6.407   1.00 66.64  ? 8   DC  A C6    1 
ATOM   162 O  "O5'" . DG  B 1 1 ? 0.449   -2.380  15.180  1.00 79.11  ? 9   DG  B "O5'" 1 
ATOM   163 C  "C5'" . DG  B 1 1 ? 0.727   -1.305  16.097  1.00 78.83  ? 9   DG  B "C5'" 1 
ATOM   164 C  "C4'" . DG  B 1 1 ? 1.844   -0.431  15.572  1.00 78.28  ? 9   DG  B "C4'" 1 
ATOM   165 O  "O4'" . DG  B 1 1 ? 2.984   -1.249  15.227  1.00 77.74  ? 9   DG  B "O4'" 1 
ATOM   166 C  "C3'" . DG  B 1 1 ? 1.596   0.381   14.304  1.00 77.93  ? 9   DG  B "C3'" 1 
ATOM   167 O  "O3'" . DG  B 1 1 ? 0.850   1.574   14.559  1.00 78.08  ? 9   DG  B "O3'" 1 
ATOM   168 C  "C2'" . DG  B 1 1 ? 3.003   0.661   13.818  1.00 77.34  ? 9   DG  B "C2'" 1 
ATOM   169 C  "C1'" . DG  B 1 1 ? 3.749   -0.611  14.205  1.00 77.01  ? 9   DG  B "C1'" 1 
ATOM   170 N  N9    . DG  B 1 1 ? 3.907   -1.560  13.112  1.00 76.34  ? 9   DG  B N9    1 
ATOM   171 C  C8    . DG  B 1 1 ? 3.156   -2.687  12.875  1.00 76.41  ? 9   DG  B C8    1 
ATOM   172 N  N7    . DG  B 1 1 ? 3.540   -3.344  11.815  1.00 75.76  ? 9   DG  B N7    1 
ATOM   173 C  C5    . DG  B 1 1 ? 4.608   -2.608  11.322  1.00 75.48  ? 9   DG  B C5    1 
ATOM   174 C  C6    . DG  B 1 1 ? 5.430   -2.830  10.186  1.00 75.01  ? 9   DG  B C6    1 
ATOM   175 O  O6    . DG  B 1 1 ? 5.374   -3.750  9.362   1.00 74.90  ? 9   DG  B O6    1 
ATOM   176 N  N1    . DG  B 1 1 ? 6.395   -1.837  10.053  1.00 74.62  ? 9   DG  B N1    1 
ATOM   177 C  C2    . DG  B 1 1 ? 6.551   -0.768  10.902  1.00 74.99  ? 9   DG  B C2    1 
ATOM   178 N  N2    . DG  B 1 1 ? 7.540   0.089   10.602  1.00 74.87  ? 9   DG  B N2    1 
ATOM   179 N  N3    . DG  B 1 1 ? 5.792   -0.551  11.963  1.00 75.41  ? 9   DG  B N3    1 
ATOM   180 C  C4    . DG  B 1 1 ? 4.848   -1.504  12.111  1.00 75.65  ? 9   DG  B C4    1 
ATOM   181 P  P     . DG  B 1 2 ? 0.220   2.392   13.337  1.00 78.33  ? 10  DG  B P     1 
ATOM   182 O  OP1   . DG  B 1 2 ? -0.588  3.505   13.900  1.00 78.97  ? 10  DG  B OP1   1 
ATOM   183 O  OP2   . DG  B 1 2 ? -0.417  1.421   12.410  1.00 77.99  ? 10  DG  B OP2   1 
ATOM   184 O  "O5'" . DG  B 1 2 ? 1.504   3.019   12.630  1.00 76.07  ? 10  DG  B "O5'" 1 
ATOM   185 C  "C5'" . DG  B 1 2 ? 1.585   3.152   11.199  1.00 73.32  ? 10  DG  B "C5'" 1 
ATOM   186 C  "C4'" . DG  B 1 2 ? 2.962   3.633   10.805  1.00 71.63  ? 10  DG  B "C4'" 1 
ATOM   187 O  "O4'" . DG  B 1 2 ? 3.937   2.589   11.040  1.00 70.82  ? 10  DG  B "O4'" 1 
ATOM   188 C  "C3'" . DG  B 1 2 ? 3.122   3.997   9.333   1.00 70.48  ? 10  DG  B "C3'" 1 
ATOM   189 O  "O3'" . DG  B 1 2 ? 2.713   5.345   9.080   1.00 69.07  ? 10  DG  B "O3'" 1 
ATOM   190 C  "C2'" . DG  B 1 2 ? 4.602   3.763   9.107   1.00 70.29  ? 10  DG  B "C2'" 1 
ATOM   191 C  "C1'" . DG  B 1 2 ? 4.835   2.508   9.936   1.00 70.10  ? 10  DG  B "C1'" 1 
ATOM   192 N  N9    . DG  B 1 2 ? 4.550   1.271   9.215   1.00 69.41  ? 10  DG  B N9    1 
ATOM   193 C  C8    . DG  B 1 2 ? 3.510   0.400   9.436   1.00 69.07  ? 10  DG  B C8    1 
ATOM   194 N  N7    . DG  B 1 2 ? 3.514   -0.617  8.618   1.00 68.55  ? 10  DG  B N7    1 
ATOM   195 C  C5    . DG  B 1 2 ? 4.619   -0.403  7.806   1.00 67.87  ? 10  DG  B C5    1 
ATOM   196 C  C6    . DG  B 1 2 ? 5.132   -1.174  6.732   1.00 67.11  ? 10  DG  B C6    1 
ATOM   197 O  O6    . DG  B 1 2 ? 4.700   -2.236  6.268   1.00 66.29  ? 10  DG  B O6    1 
ATOM   198 N  N1    . DG  B 1 2 ? 6.271   -0.592  6.183   1.00 67.25  ? 10  DG  B N1    1 
ATOM   199 C  C2    . DG  B 1 2 ? 6.843   0.581   6.612   1.00 67.69  ? 10  DG  B C2    1 
ATOM   200 N  N2    . DG  B 1 2 ? 7.942   0.983   5.954   1.00 67.75  ? 10  DG  B N2    1 
ATOM   201 N  N3    . DG  B 1 2 ? 6.374   1.309   7.613   1.00 68.37  ? 10  DG  B N3    1 
ATOM   202 C  C4    . DG  B 1 2 ? 5.267   0.761   8.159   1.00 68.62  ? 10  DG  B C4    1 
ATOM   203 P  P     . DG  B 1 3 ? 2.021   5.723   7.687   1.00 67.72  ? 11  DG  B P     1 
ATOM   204 O  OP1   . DG  B 1 3 ? 1.536   7.125   7.779   1.00 68.55  ? 11  DG  B OP1   1 
ATOM   205 O  OP2   . DG  B 1 3 ? 1.067   4.641   7.336   1.00 67.55  ? 11  DG  B OP2   1 
ATOM   206 O  "O5'" . DG  B 1 3 ? 3.241   5.690   6.663   1.00 65.17  ? 11  DG  B "O5'" 1 
ATOM   207 C  "C5'" . DG  B 1 3 ? 4.406   6.505   6.883   1.00 62.78  ? 11  DG  B "C5'" 1 
ATOM   208 C  "C4'" . DG  B 1 3 ? 5.458   6.238   5.831   1.00 61.19  ? 11  DG  B "C4'" 1 
ATOM   209 O  "O4'" . DG  B 1 3 ? 6.022   4.915   5.991   1.00 60.38  ? 11  DG  B "O4'" 1 
ATOM   210 C  "C3'" . DG  B 1 3 ? 4.973   6.262   4.387   1.00 60.00  ? 11  DG  B "C3'" 1 
ATOM   211 O  "O3'" . DG  B 1 3 ? 4.813   7.588   3.877   1.00 59.38  ? 11  DG  B "O3'" 1 
ATOM   212 C  "C2'" . DG  B 1 3 ? 6.066   5.480   3.692   1.00 59.65  ? 11  DG  B "C2'" 1 
ATOM   213 C  "C1'" . DG  B 1 3 ? 6.322   4.370   4.704   1.00 59.03  ? 11  DG  B "C1'" 1 
ATOM   214 N  N9    . DG  B 1 3 ? 5.466   3.208   4.493   1.00 57.60  ? 11  DG  B N9    1 
ATOM   215 C  C8    . DG  B 1 3 ? 4.306   2.894   5.160   1.00 57.25  ? 11  DG  B C8    1 
ATOM   216 N  N7    . DG  B 1 3 ? 3.750   1.795   4.730   1.00 56.89  ? 11  DG  B N7    1 
ATOM   217 C  C5    . DG  B 1 3 ? 4.587   1.361   3.711   1.00 56.59  ? 11  DG  B C5    1 
ATOM   218 C  C6    . DG  B 1 3 ? 4.499   0.220   2.872   1.00 56.22  ? 11  DG  B C6    1 
ATOM   219 O  O6    . DG  B 1 3 ? 3.636   -0.666  2.861   1.00 55.87  ? 11  DG  B O6    1 
ATOM   220 N  N1    . DG  B 1 3 ? 5.560   0.164   1.972   1.00 56.12  ? 11  DG  B N1    1 
ATOM   221 C  C2    . DG  B 1 3 ? 6.575   1.086   1.890   1.00 56.29  ? 11  DG  B C2    1 
ATOM   222 N  N2    . DG  B 1 3 ? 7.509   0.858   0.955   1.00 56.41  ? 11  DG  B N2    1 
ATOM   223 N  N3    . DG  B 1 3 ? 6.666   2.155   2.665   1.00 56.74  ? 11  DG  B N3    1 
ATOM   224 C  C4    . DG  B 1 3 ? 5.647   2.227   3.547   1.00 56.94  ? 11  DG  B C4    1 
ATOM   225 P  P     . DA  B 1 4 ? 3.731   7.869   2.737   1.00 58.92  ? 12  DA  B P     1 
ATOM   226 O  OP1   . DA  B 1 4 ? 3.674   9.334   2.508   1.00 59.44  ? 12  DA  B OP1   1 
ATOM   227 O  OP2   . DA  B 1 4 ? 2.491   7.125   3.079   1.00 58.41  ? 12  DA  B OP2   1 
ATOM   228 O  "O5'" . DA  B 1 4 ? 4.385   7.195   1.452   1.00 57.60  ? 12  DA  B "O5'" 1 
ATOM   229 C  "C5'" . DA  B 1 4 ? 5.607   7.709   0.899   1.00 56.75  ? 12  DA  B "C5'" 1 
ATOM   230 C  "C4'" . DA  B 1 4 ? 6.064   6.851   -0.258  1.00 56.10  ? 12  DA  B "C4'" 1 
ATOM   231 O  "O4'" . DA  B 1 4 ? 6.294   5.494   0.189   1.00 55.59  ? 12  DA  B "O4'" 1 
ATOM   232 C  "C3'" . DA  B 1 4 ? 5.073   6.721   -1.406  1.00 55.80  ? 12  DA  B "C3'" 1 
ATOM   233 O  "O3'" . DA  B 1 4 ? 5.195   7.823   -2.308  1.00 56.33  ? 12  DA  B "O3'" 1 
ATOM   234 C  "C2'" . DA  B 1 4 ? 5.484   5.405   -2.036  1.00 55.46  ? 12  DA  B "C2'" 1 
ATOM   235 C  "C1'" . DA  B 1 4 ? 5.900   4.575   -0.828  1.00 54.78  ? 12  DA  B "C1'" 1 
ATOM   236 N  N9    . DA  B 1 4 ? 4.831   3.736   -0.289  1.00 53.63  ? 12  DA  B N9    1 
ATOM   237 C  C8    . DA  B 1 4 ? 4.006   3.991   0.779   1.00 53.21  ? 12  DA  B C8    1 
ATOM   238 N  N7    . DA  B 1 4 ? 3.135   3.039   1.013   1.00 52.97  ? 12  DA  B N7    1 
ATOM   239 C  C5    . DA  B 1 4 ? 3.402   2.095   0.032   1.00 52.85  ? 12  DA  B C5    1 
ATOM   240 C  C6    . DA  B 1 4 ? 2.823   0.849   -0.264  1.00 53.00  ? 12  DA  B C6    1 
ATOM   241 N  N6    . DA  B 1 4 ? 1.812   0.320   0.429   1.00 53.43  ? 12  DA  B N6    1 
ATOM   242 N  N1    . DA  B 1 4 ? 3.319   0.159   -1.314  1.00 53.11  ? 12  DA  B N1    1 
ATOM   243 C  C2    . DA  B 1 4 ? 4.333   0.691   -2.010  1.00 53.20  ? 12  DA  B C2    1 
ATOM   244 N  N3    . DA  B 1 4 ? 4.962   1.852   -1.828  1.00 53.24  ? 12  DA  B N3    1 
ATOM   245 C  C4    . DA  B 1 4 ? 4.441   2.513   -0.780  1.00 53.19  ? 12  DA  B C4    1 
ATOM   246 P  P     . DT  B 1 5 ? 3.887   8.539   -2.887  1.00 57.10  ? 13  DT  B P     1 
ATOM   247 O  OP1   . DT  B 1 5 ? 4.291   9.855   -3.442  1.00 57.73  ? 13  DT  B OP1   1 
ATOM   248 O  OP2   . DT  B 1 5 ? 2.820   8.468   -1.856  1.00 57.39  ? 13  DT  B OP2   1 
ATOM   249 O  "O5'" . DT  B 1 5 ? 3.481   7.605   -4.110  1.00 56.98  ? 13  DT  B "O5'" 1 
ATOM   250 C  "C5'" . DT  B 1 5 ? 4.348   7.472   -5.246  1.00 56.77  ? 13  DT  B "C5'" 1 
ATOM   251 C  "C4'" . DT  B 1 5 ? 4.050   6.193   -5.992  1.00 56.76  ? 13  DT  B "C4'" 1 
ATOM   252 O  "O4'" . DT  B 1 5 ? 4.271   5.045   -5.142  1.00 56.79  ? 13  DT  B "O4'" 1 
ATOM   253 C  "C3'" . DT  B 1 5 ? 2.613   6.034   -6.468  1.00 56.80  ? 13  DT  B "C3'" 1 
ATOM   254 O  "O3'" . DT  B 1 5 ? 2.349   6.777   -7.661  1.00 56.85  ? 13  DT  B "O3'" 1 
ATOM   255 C  "C2'" . DT  B 1 5 ? 2.523   4.534   -6.668  1.00 56.88  ? 13  DT  B "C2'" 1 
ATOM   256 C  "C1'" . DT  B 1 5 ? 3.374   3.997   -5.520  1.00 56.73  ? 13  DT  B "C1'" 1 
ATOM   257 N  N1    . DT  B 1 5 ? 2.579   3.618   -4.333  1.00 56.69  ? 13  DT  B N1    1 
ATOM   258 C  C2    . DT  B 1 5 ? 2.179   2.306   -4.215  1.00 57.07  ? 13  DT  B C2    1 
ATOM   259 O  O2    . DT  B 1 5 ? 2.471   1.443   -5.028  1.00 57.31  ? 13  DT  B O2    1 
ATOM   260 N  N3    . DT  B 1 5 ? 1.428   2.034   -3.097  1.00 57.04  ? 13  DT  B N3    1 
ATOM   261 C  C4    . DT  B 1 5 ? 1.036   2.928   -2.117  1.00 56.86  ? 13  DT  B C4    1 
ATOM   262 O  O4    . DT  B 1 5 ? 0.362   2.537   -1.168  1.00 56.92  ? 13  DT  B O4    1 
ATOM   263 C  C5    . DT  B 1 5 ? 1.483   4.289   -2.310  1.00 56.57  ? 13  DT  B C5    1 
ATOM   264 C  C7    . DT  B 1 5 ? 1.109   5.327   -1.299  1.00 56.55  ? 13  DT  B C7    1 
ATOM   265 C  C6    . DT  B 1 5 ? 2.213   4.564   -3.399  1.00 56.58  ? 13  DT  B C6    1 
ATOM   266 P  P     . DC  B 1 6 ? 0.848   7.212   -8.011  1.00 57.55  ? 14  DC  B P     1 
ATOM   267 O  OP1   . DC  B 1 6 ? 0.885   8.050   -9.235  1.00 58.04  ? 14  DC  B OP1   1 
ATOM   268 O  OP2   . DC  B 1 6 ? 0.217   7.743   -6.775  1.00 57.47  ? 14  DC  B OP2   1 
ATOM   269 O  "O5'" . DC  B 1 6 ? 0.150   5.827   -8.371  1.00 57.79  ? 14  DC  B "O5'" 1 
ATOM   270 C  "C5'" . DC  B 1 6 ? 0.562   5.081   -9.529  1.00 58.65  ? 14  DC  B "C5'" 1 
ATOM   271 C  "C4'" . DC  B 1 6 ? -0.138  3.741   -9.581  1.00 59.06  ? 14  DC  B "C4'" 1 
ATOM   272 O  "O4'" . DC  B 1 6 ? 0.204   2.944   -8.426  1.00 59.34  ? 14  DC  B "O4'" 1 
ATOM   273 C  "C3'" . DC  B 1 6 ? -1.660  3.788   -9.565  1.00 59.36  ? 14  DC  B "C3'" 1 
ATOM   274 O  "O3'" . DC  B 1 6 ? -2.218  4.096   -10.847 1.00 59.55  ? 14  DC  B "O3'" 1 
ATOM   275 C  "C2'" . DC  B 1 6 ? -2.003  2.384   -9.108  1.00 59.57  ? 14  DC  B "C2'" 1 
ATOM   276 C  "C1'" . DC  B 1 6 ? -0.889  2.078   -8.111  1.00 59.74  ? 14  DC  B "C1'" 1 
ATOM   277 N  N1    . DC  B 1 6 ? -1.277  2.315   -6.711  1.00 60.37  ? 14  DC  B N1    1 
ATOM   278 C  C2    . DC  B 1 6 ? -1.876  1.273   -5.996  1.00 60.79  ? 14  DC  B C2    1 
ATOM   279 O  O2    . DC  B 1 6 ? -2.041  0.180   -6.556  1.00 61.32  ? 14  DC  B O2    1 
ATOM   280 N  N3    . DC  B 1 6 ? -2.253  1.482   -4.714  1.00 60.96  ? 14  DC  B N3    1 
ATOM   281 C  C4    . DC  B 1 6 ? -2.059  2.676   -4.147  1.00 61.18  ? 14  DC  B C4    1 
ATOM   282 N  N4    . DC  B 1 6 ? -2.444  2.836   -2.880  1.00 61.40  ? 14  DC  B N4    1 
ATOM   283 C  C5    . DC  B 1 6 ? -1.460  3.758   -4.856  1.00 61.03  ? 14  DC  B C5    1 
ATOM   284 C  C6    . DC  B 1 6 ? -1.095  3.539   -6.126  1.00 60.83  ? 14  DC  B C6    1 
ATOM   285 P  P     . DC  B 1 7 ? -3.721  4.646   -10.952 1.00 59.56  ? 15  DC  B P     1 
ATOM   286 O  OP1   . DC  B 1 7 ? -3.994  4.970   -12.375 1.00 59.66  ? 15  DC  B OP1   1 
ATOM   287 O  OP2   . DC  B 1 7 ? -3.908  5.686   -9.909  1.00 59.48  ? 15  DC  B OP2   1 
ATOM   288 O  "O5'" . DC  B 1 7 ? -4.595  3.380   -10.547 1.00 59.47  ? 15  DC  B "O5'" 1 
ATOM   289 C  "C5'" . DC  B 1 7 ? -4.631  2.206   -11.379 1.00 59.79  ? 15  DC  B "C5'" 1 
ATOM   290 C  "C4'" . DC  B 1 7 ? -5.718  1.266   -10.914 1.00 59.78  ? 15  DC  B "C4'" 1 
ATOM   291 O  "O4'" . DC  B 1 7 ? -5.353  0.653   -9.658  1.00 59.44  ? 15  DC  B "O4'" 1 
ATOM   292 C  "C3'" . DC  B 1 7 ? -7.073  1.913   -10.654 1.00 59.75  ? 15  DC  B "C3'" 1 
ATOM   293 O  "O3'" . DC  B 1 7 ? -7.812  2.049   -11.872 1.00 60.72  ? 15  DC  B "O3'" 1 
ATOM   294 C  "C2'" . DC  B 1 7 ? -7.709  0.939   -9.682  1.00 59.40  ? 15  DC  B "C2'" 1 
ATOM   295 C  "C1'" . DC  B 1 7 ? -6.519  0.454   -8.859  1.00 58.93  ? 15  DC  B "C1'" 1 
ATOM   296 N  N1    . DC  B 1 7 ? -6.335  1.184   -7.595  1.00 58.40  ? 15  DC  B N1    1 
ATOM   297 C  C2    . DC  B 1 7 ? -6.990  0.722   -6.448  1.00 58.39  ? 15  DC  B C2    1 
ATOM   298 O  O2    . DC  B 1 7 ? -7.692  -0.297  -6.528  1.00 58.16  ? 15  DC  B O2    1 
ATOM   299 N  N3    . DC  B 1 7 ? -6.835  1.391   -5.282  1.00 58.33  ? 15  DC  B N3    1 
ATOM   300 C  C4    . DC  B 1 7 ? -6.068  2.484   -5.238  1.00 58.14  ? 15  DC  B C4    1 
ATOM   301 N  N4    . DC  B 1 7 ? -5.942  3.113   -4.067  1.00 58.19  ? 15  DC  B N4    1 
ATOM   302 C  C5    . DC  B 1 7 ? -5.398  2.981   -6.392  1.00 58.14  ? 15  DC  B C5    1 
ATOM   303 C  C6    . DC  B 1 7 ? -5.561  2.309   -7.540  1.00 58.35  ? 15  DC  B C6    1 
ATOM   304 P  P     . DC  B 1 8 ? -9.175  2.885   -11.897 1.00 61.70  ? 16  DC  B P     1 
ATOM   305 O  OP1   . DC  B 1 8 ? -9.540  3.125   -13.317 1.00 61.71  ? 16  DC  B OP1   1 
ATOM   306 O  OP2   . DC  B 1 8 ? -9.030  4.040   -10.974 1.00 61.35  ? 16  DC  B OP2   1 
ATOM   307 O  "O5'" . DC  B 1 8 ? -10.228 1.864   -11.273 1.00 61.70  ? 16  DC  B "O5'" 1 
ATOM   308 C  "C5'" . DC  B 1 8 ? -11.574 2.277   -10.975 1.00 61.65  ? 16  DC  B "C5'" 1 
ATOM   309 C  "C4'" . DC  B 1 8 ? -12.162 1.418   -9.879  1.00 61.30  ? 16  DC  B "C4'" 1 
ATOM   310 O  "O4'" . DC  B 1 8 ? -11.137 1.084   -8.916  1.00 61.01  ? 16  DC  B "O4'" 1 
ATOM   311 C  "C3'" . DC  B 1 8 ? -13.277 2.084   -9.079  1.00 61.28  ? 16  DC  B "C3'" 1 
ATOM   312 O  "O3'" . DC  B 1 8 ? -14.555 1.799   -9.657  1.00 61.72  ? 16  DC  B "O3'" 1 
ATOM   313 C  "C2'" . DC  B 1 8 ? -13.142 1.462   -7.702  1.00 61.20  ? 16  DC  B "C2'" 1 
ATOM   314 C  "C1'" . DC  B 1 8 ? -11.658 1.130   -7.591  1.00 60.87  ? 16  DC  B "C1'" 1 
ATOM   315 N  N1    . DC  B 1 8 ? -10.858 2.095   -6.818  1.00 60.44  ? 16  DC  B N1    1 
ATOM   316 C  C2    . DC  B 1 8 ? -10.981 2.101   -5.425  1.00 60.32  ? 16  DC  B C2    1 
ATOM   317 O  O2    . DC  B 1 8 ? -11.769 1.307   -4.889  1.00 60.64  ? 16  DC  B O2    1 
ATOM   318 N  N3    . DC  B 1 8 ? -10.246 2.975   -4.699  1.00 60.26  ? 16  DC  B N3    1 
ATOM   319 C  C4    . DC  B 1 8 ? -9.410  3.814   -5.314  1.00 60.13  ? 16  DC  B C4    1 
ATOM   320 N  N4    . DC  B 1 8 ? -8.705  4.659   -4.560  1.00 60.15  ? 16  DC  B N4    1 
ATOM   321 C  C5    . DC  B 1 8 ? -9.259  3.824   -6.732  1.00 60.30  ? 16  DC  B C5    1 
ATOM   322 C  C6    . DC  B 1 8 ? -9.995  2.957   -7.438  1.00 60.39  ? 16  DC  B C6    1 
HETATM 323 ZN ZN    . ZN  C 2 . ? -6.029  -1.004  1.076   1.00 101.21 ? 101 ZN  A ZN    1 
HETATM 324 ZN ZN    . ZN  D 2 . ? 2.482   -4.668  10.621  0.50 74.45  ? 101 ZN  B ZN    1 
HETATM 325 O  O     . HOH E 3 . ? 0.685   -2.636  8.147   1.00 52.14  ? 201 HOH B O     1 
# 
